data_3TSQ
#
_entry.id   3TSQ
#
_cell.length_a   46.530
_cell.length_b   78.287
_cell.length_c   200.815
_cell.angle_alpha   90.00
_cell.angle_beta   90.00
_cell.angle_gamma   90.00
#
_symmetry.space_group_name_H-M   'P 21 21 21'
#
loop_
_entity.id
_entity.type
_entity.pdbx_description
1 polymer 'Transcriptional regulatory protein'
2 non-polymer 'ZINC ION'
3 non-polymer "5'-O-[(S)-(carbamoyloxy)(hydroxy)phosphoryl]adenosine"
4 non-polymer 'MAGNESIUM ION'
5 water water
#
_entity_poly.entity_id   1
_entity_poly.type   'polypeptide(L)'
_entity_poly.pdbx_seq_one_letter_code
;GSQSAGGAMNTQIVPDAATCPACLAEMNTPGERRYRYPFINCTHCGPRFTIIRAMPYDRPFTVMAAFPLCPACDKEYRDP
LDRRFHAQPVACPECGPYLEWVSHGEHAEQEAALQAAIAQLKMGNIVAIKGIGGFHLACDARNSNAVATLRARKHRPAKP
LAVMLPVADGLPDAARQLLTTPAAPIVLVDKKYVPELCDDIAPGLNEVGVMLPANPLQHLLLQELQCPLVMTSGNLSGKP
PAISNEQALEDLQGIADGFLIHNRDIVQRMDDSVVRESGEMLRRSRGYVPDALALPPGFKNVPPVLCLGADLKNTFCLVR
GEQVVLSQHLGDLSDDGIQTQWREALRLMQNIYNFTPQYVVHDAHPGYVSCQWASEMNLPTQTVLHHHAHAAACLAEHQW
PLDGGDVIALTLDGIGMGENGALWGGECLRVNYRECEHLGGLPAVALPGGDLAAKQPWRNLLAQCLRFVPEWQNYPETAS
VAAANWSVLARAIERGINAPLASSCGRLFDAVAAALGCAPATLSYEGEAACALEALAASCDGVTHPVTMPRVDNQLDLAT
FWQQWLNWQAPVNQRAWAFHDALAQGFAALMREQATMRGITTLVFSGGVIHNRLLRARLAHYLADFTLLFPQSLPAGDGG
LSLGQGVIAAARWLAGEV
;
_entity_poly.pdbx_strand_id   A
#
# COMPACT_ATOMS: atom_id res chain seq x y z
N GLN A 12 -9.16 -18.90 -18.15
CA GLN A 12 -8.62 -18.58 -16.78
C GLN A 12 -7.20 -18.01 -16.88
N ILE A 13 -7.11 -16.67 -16.72
CA ILE A 13 -5.89 -15.90 -16.80
C ILE A 13 -5.26 -15.78 -15.39
N VAL A 14 -3.94 -15.67 -15.37
CA VAL A 14 -3.14 -15.69 -14.16
C VAL A 14 -2.44 -14.35 -13.93
N PRO A 15 -1.98 -14.07 -12.69
CA PRO A 15 -1.26 -12.78 -12.60
C PRO A 15 0.05 -12.75 -13.42
N ASP A 16 0.56 -11.57 -13.71
CA ASP A 16 1.90 -11.42 -14.34
C ASP A 16 2.97 -12.23 -13.58
N ALA A 17 3.82 -12.98 -14.30
CA ALA A 17 4.69 -13.91 -13.62
C ALA A 17 6.15 -13.59 -13.86
N ALA A 18 6.95 -13.62 -12.79
CA ALA A 18 8.39 -13.43 -12.88
C ALA A 18 8.96 -14.39 -13.92
N THR A 19 9.94 -13.97 -14.74
CA THR A 19 10.71 -14.87 -15.62
C THR A 19 11.15 -16.21 -14.91
N CYS A 20 10.87 -17.36 -15.53
CA CYS A 20 11.14 -18.68 -14.88
C CYS A 20 12.59 -19.15 -15.03
N PRO A 21 13.04 -20.16 -14.23
CA PRO A 21 14.45 -20.62 -14.44
C PRO A 21 14.79 -21.02 -15.88
N ALA A 22 13.94 -21.79 -16.52
CA ALA A 22 14.18 -22.24 -17.91
C ALA A 22 14.32 -21.10 -18.96
N CYS A 23 13.57 -20.02 -18.83
CA CYS A 23 13.72 -18.91 -19.76
C CYS A 23 15.02 -18.16 -19.44
N LEU A 24 15.27 -17.92 -18.15
CA LEU A 24 16.53 -17.38 -17.67
C LEU A 24 17.76 -18.14 -18.19
N ALA A 25 17.77 -19.44 -18.03
CA ALA A 25 18.78 -20.29 -18.64
C ALA A 25 18.85 -20.13 -20.18
N GLU A 26 17.73 -20.08 -20.87
CA GLU A 26 17.79 -19.91 -22.33
C GLU A 26 18.40 -18.55 -22.74
N MET A 27 18.07 -17.48 -21.98
CA MET A 27 18.54 -16.14 -22.25
C MET A 27 20.06 -15.99 -21.94
N ASN A 28 20.61 -16.81 -21.04
CA ASN A 28 22.03 -16.74 -20.74
C ASN A 28 22.94 -17.63 -21.60
N THR A 29 22.36 -18.38 -22.54
CA THR A 29 23.05 -19.46 -23.27
C THR A 29 23.47 -19.00 -24.68
N PRO A 30 24.79 -18.77 -24.92
CA PRO A 30 25.24 -18.23 -26.21
C PRO A 30 24.92 -19.20 -27.34
N GLY A 31 24.41 -18.72 -28.46
CA GLY A 31 23.99 -19.62 -29.51
C GLY A 31 22.52 -19.99 -29.47
N GLU A 32 21.82 -19.73 -28.36
CA GLU A 32 20.34 -19.71 -28.39
C GLU A 32 19.92 -18.52 -29.23
N ARG A 33 18.88 -18.70 -30.03
CA ARG A 33 18.27 -17.59 -30.77
C ARG A 33 17.81 -16.44 -29.82
N ARG A 34 17.31 -16.80 -28.64
CA ARG A 34 16.89 -15.83 -27.63
C ARG A 34 17.98 -15.41 -26.63
N TYR A 35 19.24 -15.69 -26.97
CA TYR A 35 20.38 -15.28 -26.15
C TYR A 35 20.37 -13.77 -25.93
N ARG A 36 20.35 -13.36 -24.66
CA ARG A 36 20.30 -11.96 -24.25
C ARG A 36 19.10 -11.18 -24.82
N TYR A 37 18.05 -11.88 -25.21
CA TYR A 37 16.85 -11.19 -25.63
C TYR A 37 15.98 -10.80 -24.42
N PRO A 38 15.75 -9.49 -24.16
CA PRO A 38 14.97 -8.97 -23.04
C PRO A 38 13.46 -9.23 -22.98
N PHE A 39 12.89 -9.94 -23.93
CA PHE A 39 11.43 -10.17 -23.96
C PHE A 39 11.09 -11.65 -23.93
N ILE A 40 12.09 -12.50 -23.76
CA ILE A 40 11.87 -13.92 -23.61
C ILE A 40 10.74 -14.18 -22.56
N ASN A 41 9.76 -15.02 -22.94
CA ASN A 41 8.74 -15.58 -22.01
C ASN A 41 8.34 -16.94 -22.51
N CYS A 42 7.58 -17.68 -21.73
CA CYS A 42 7.07 -18.96 -22.16
C CYS A 42 5.69 -19.16 -21.53
N THR A 43 5.23 -20.39 -21.58
CA THR A 43 3.88 -20.71 -21.16
C THR A 43 3.71 -20.52 -19.66
N HIS A 44 4.83 -20.61 -18.94
CA HIS A 44 4.88 -20.49 -17.47
C HIS A 44 5.25 -19.11 -16.93
N CYS A 45 5.68 -18.14 -17.74
CA CYS A 45 6.13 -16.88 -17.15
C CYS A 45 5.87 -15.71 -18.11
N GLY A 46 6.09 -14.48 -17.67
CA GLY A 46 5.92 -13.33 -18.53
C GLY A 46 4.70 -12.53 -18.16
N PRO A 47 4.47 -11.42 -18.86
CA PRO A 47 3.36 -10.44 -18.67
C PRO A 47 2.02 -11.11 -19.00
N ARG A 48 0.97 -10.80 -18.27
CA ARG A 48 -0.35 -11.39 -18.62
C ARG A 48 -1.40 -10.29 -18.69
N PHE A 49 -1.92 -9.93 -17.55
CA PHE A 49 -2.97 -8.93 -17.40
C PHE A 49 -2.50 -7.61 -18.07
N THR A 50 -1.19 -7.30 -17.95
CA THR A 50 -0.65 -6.03 -18.44
C THR A 50 -0.59 -5.91 -19.98
N ILE A 51 -0.75 -7.03 -20.68
CA ILE A 51 -0.61 -7.02 -22.14
C ILE A 51 -1.91 -7.39 -22.87
N ILE A 52 -3.00 -7.67 -22.14
CA ILE A 52 -4.29 -8.08 -22.73
C ILE A 52 -5.18 -6.86 -22.98
N ARG A 53 -5.72 -6.80 -24.19
CA ARG A 53 -6.68 -5.74 -24.61
C ARG A 53 -8.13 -6.21 -24.39
N ALA A 54 -8.39 -7.47 -24.71
CA ALA A 54 -9.69 -8.04 -24.48
C ALA A 54 -9.57 -9.56 -24.43
N MET A 55 -10.62 -10.21 -23.94
CA MET A 55 -10.77 -11.66 -23.93
C MET A 55 -11.37 -12.16 -25.25
N PRO A 56 -11.02 -13.41 -25.69
CA PRO A 56 -10.12 -14.41 -24.99
C PRO A 56 -8.63 -14.11 -25.01
N TYR A 57 -7.89 -14.77 -24.11
CA TYR A 57 -6.44 -14.61 -24.07
C TYR A 57 -5.82 -15.30 -25.28
N ASP A 58 -5.43 -14.49 -26.26
CA ASP A 58 -5.04 -15.02 -27.55
C ASP A 58 -4.23 -13.90 -28.16
N ARG A 59 -3.07 -14.21 -28.72
CA ARG A 59 -2.21 -13.19 -29.31
C ARG A 59 -2.92 -12.05 -30.12
N PRO A 60 -3.94 -12.37 -30.98
CA PRO A 60 -4.61 -11.24 -31.68
C PRO A 60 -5.25 -10.16 -30.76
N PHE A 61 -5.49 -10.50 -29.49
CA PHE A 61 -6.17 -9.57 -28.53
C PHE A 61 -5.26 -9.07 -27.38
N THR A 62 -3.95 -9.27 -27.57
CA THR A 62 -2.90 -8.76 -26.71
C THR A 62 -2.13 -7.68 -27.50
N VAL A 63 -1.30 -6.90 -26.81
CA VAL A 63 -0.31 -5.97 -27.40
C VAL A 63 0.64 -6.62 -28.42
N MET A 64 0.63 -7.94 -28.51
CA MET A 64 1.57 -8.63 -29.42
C MET A 64 1.05 -8.88 -30.86
N ALA A 65 -0.20 -8.50 -31.17
CA ALA A 65 -0.78 -8.57 -32.53
C ALA A 65 0.09 -7.89 -33.58
N ALA A 66 0.70 -6.77 -33.18
CA ALA A 66 1.61 -5.92 -33.97
C ALA A 66 2.87 -6.61 -34.50
N PHE A 67 3.34 -7.64 -33.80
CA PHE A 67 4.57 -8.34 -34.11
C PHE A 67 4.31 -9.76 -34.68
N PRO A 68 4.10 -9.89 -36.02
CA PRO A 68 3.95 -11.29 -36.51
C PRO A 68 5.19 -12.17 -36.27
N LEU A 69 4.94 -13.42 -35.89
CA LEU A 69 6.00 -14.33 -35.55
C LEU A 69 6.76 -14.71 -36.80
N CYS A 70 8.09 -14.71 -36.73
CA CYS A 70 8.94 -15.37 -37.71
C CYS A 70 8.60 -16.87 -37.61
N PRO A 71 9.07 -17.70 -38.58
CA PRO A 71 8.63 -19.12 -38.59
C PRO A 71 9.30 -20.00 -37.52
N ALA A 72 10.50 -19.61 -37.08
CA ALA A 72 11.17 -20.38 -36.05
C ALA A 72 10.37 -20.32 -34.73
N CYS A 73 9.87 -19.12 -34.41
CA CYS A 73 8.96 -18.91 -33.28
C CYS A 73 7.57 -19.54 -33.42
N ASP A 74 7.05 -19.56 -34.64
CA ASP A 74 5.70 -20.05 -34.90
C ASP A 74 5.59 -21.57 -34.77
N LYS A 75 6.71 -22.24 -35.07
CA LYS A 75 6.81 -23.69 -34.92
C LYS A 75 6.83 -24.06 -33.43
N GLU A 76 7.44 -23.22 -32.60
CA GLU A 76 7.44 -23.41 -31.14
C GLU A 76 6.06 -23.17 -30.48
N TYR A 77 5.47 -22.01 -30.76
CA TYR A 77 4.11 -21.65 -30.33
C TYR A 77 3.05 -22.73 -30.66
N ARG A 78 3.23 -23.43 -31.78
CA ARG A 78 2.29 -24.45 -32.21
C ARG A 78 2.59 -25.91 -31.81
N ASP A 79 3.80 -26.19 -31.31
CA ASP A 79 4.24 -27.55 -30.94
C ASP A 79 3.82 -27.85 -29.51
N PRO A 80 2.93 -28.85 -29.32
CA PRO A 80 2.31 -29.30 -28.07
C PRO A 80 3.25 -29.69 -26.93
N LEU A 81 4.45 -30.17 -27.26
CA LEU A 81 5.40 -30.65 -26.25
C LEU A 81 6.45 -29.59 -25.89
N ASP A 82 6.28 -28.39 -26.45
CA ASP A 82 7.23 -27.29 -26.33
C ASP A 82 6.86 -26.31 -25.19
N ARG A 83 7.85 -25.81 -24.45
CA ARG A 83 7.63 -24.92 -23.30
C ARG A 83 6.88 -23.61 -23.64
N ARG A 84 6.89 -23.25 -24.93
CA ARG A 84 6.27 -22.02 -25.45
C ARG A 84 5.00 -22.30 -26.26
N PHE A 85 4.45 -23.51 -26.10
CA PHE A 85 3.19 -23.88 -26.75
C PHE A 85 2.11 -22.92 -26.27
N HIS A 86 1.55 -22.17 -27.23
CA HIS A 86 0.60 -21.08 -27.01
C HIS A 86 1.11 -20.04 -26.03
N ALA A 87 2.38 -19.73 -26.08
CA ALA A 87 2.84 -18.61 -25.27
C ALA A 87 2.42 -17.40 -26.06
N GLN A 88 1.29 -16.82 -25.65
CA GLN A 88 0.67 -15.73 -26.38
C GLN A 88 1.61 -14.53 -26.74
N PRO A 89 2.44 -14.03 -25.76
CA PRO A 89 3.38 -12.98 -26.07
C PRO A 89 4.82 -13.46 -26.43
N VAL A 90 4.98 -14.69 -26.87
CA VAL A 90 6.30 -15.18 -27.32
C VAL A 90 6.90 -14.33 -28.47
N ALA A 91 8.22 -14.21 -28.48
CA ALA A 91 8.96 -13.54 -29.52
C ALA A 91 10.45 -13.92 -29.44
N CYS A 92 11.24 -13.53 -30.45
CA CYS A 92 12.71 -13.61 -30.44
C CYS A 92 13.25 -12.32 -31.07
N PRO A 93 14.61 -12.14 -31.07
CA PRO A 93 15.15 -10.90 -31.66
C PRO A 93 14.67 -10.60 -33.08
N GLU A 94 14.41 -11.64 -33.89
CA GLU A 94 13.95 -11.49 -35.29
C GLU A 94 12.58 -10.82 -35.43
N CYS A 95 11.61 -11.29 -34.64
CA CYS A 95 10.23 -10.81 -34.79
C CYS A 95 9.70 -10.00 -33.63
N GLY A 96 10.43 -9.90 -32.53
CA GLY A 96 9.88 -9.29 -31.33
C GLY A 96 10.18 -7.80 -31.14
N PRO A 97 9.73 -7.23 -29.97
CA PRO A 97 10.03 -5.84 -29.52
C PRO A 97 11.53 -5.70 -29.32
N TYR A 98 12.04 -4.48 -29.33
CA TYR A 98 13.46 -4.31 -29.07
C TYR A 98 13.66 -3.09 -28.18
N LEU A 99 14.83 -3.01 -27.55
CA LEU A 99 15.16 -1.90 -26.65
C LEU A 99 15.56 -0.61 -27.38
N GLU A 100 15.26 0.53 -26.77
CA GLU A 100 15.64 1.80 -27.32
C GLU A 100 16.22 2.64 -26.21
N TRP A 101 17.28 3.38 -26.50
CA TRP A 101 17.92 4.24 -25.53
C TRP A 101 17.75 5.66 -25.97
N VAL A 102 17.35 6.54 -25.06
CA VAL A 102 17.17 7.93 -25.37
C VAL A 102 17.85 8.74 -24.28
N SER A 103 18.87 9.51 -24.67
CA SER A 103 19.52 10.45 -23.74
C SER A 103 19.95 11.81 -24.33
N HIS A 104 19.26 12.90 -23.99
CA HIS A 104 19.66 14.27 -24.42
C HIS A 104 20.45 14.33 -25.74
N GLY A 105 19.83 13.93 -26.86
CA GLY A 105 20.57 13.86 -28.13
C GLY A 105 20.80 12.43 -28.58
N GLU A 106 21.51 11.65 -27.73
CA GLU A 106 21.96 10.27 -28.05
C GLU A 106 20.83 9.27 -28.22
N HIS A 107 21.09 8.26 -29.05
CA HIS A 107 20.13 7.23 -29.35
C HIS A 107 20.88 5.93 -29.63
N ALA A 108 20.41 4.83 -29.06
CA ALA A 108 20.91 3.53 -29.46
C ALA A 108 19.73 2.56 -29.42
N GLU A 109 19.97 1.34 -29.85
CA GLU A 109 18.95 0.30 -29.82
C GLU A 109 19.57 -1.08 -29.59
N GLN A 110 18.71 -1.98 -29.13
CA GLN A 110 19.04 -3.36 -28.78
C GLN A 110 20.17 -3.48 -27.75
N GLU A 111 21.20 -4.27 -28.04
CA GLU A 111 22.34 -4.44 -27.14
C GLU A 111 23.08 -3.12 -26.80
N ALA A 112 23.33 -2.26 -27.77
CA ALA A 112 23.94 -0.96 -27.49
C ALA A 112 23.06 -0.04 -26.61
N ALA A 113 21.74 -0.24 -26.69
CA ALA A 113 20.79 0.47 -25.82
C ALA A 113 21.01 0.02 -24.37
N LEU A 114 21.11 -1.30 -24.19
CA LEU A 114 21.38 -1.88 -22.88
C LEU A 114 22.68 -1.37 -22.27
N GLN A 115 23.74 -1.32 -23.08
CA GLN A 115 25.05 -0.87 -22.61
C GLN A 115 25.15 0.61 -22.23
N ALA A 116 24.34 1.45 -22.88
CA ALA A 116 24.37 2.86 -22.57
C ALA A 116 23.75 3.08 -21.22
N ALA A 117 22.71 2.30 -20.91
CA ALA A 117 21.99 2.35 -19.62
C ALA A 117 22.87 1.87 -18.47
N ILE A 118 23.62 0.82 -18.70
CA ILE A 118 24.57 0.26 -17.75
C ILE A 118 25.70 1.25 -17.51
N ALA A 119 26.27 1.79 -18.58
CA ALA A 119 27.32 2.81 -18.42
C ALA A 119 26.77 4.02 -17.64
N GLN A 120 25.54 4.42 -17.89
CA GLN A 120 25.02 5.54 -17.12
C GLN A 120 24.81 5.20 -15.64
N LEU A 121 24.22 4.04 -15.36
CA LEU A 121 24.06 3.58 -14.01
C LEU A 121 25.38 3.44 -13.22
N LYS A 122 26.44 2.96 -13.88
CA LYS A 122 27.75 2.81 -13.28
C LYS A 122 28.44 4.17 -12.98
N MET A 123 28.09 5.23 -13.69
CA MET A 123 28.75 6.50 -13.39
C MET A 123 27.93 7.31 -12.37
N GLY A 124 26.85 6.69 -11.84
CA GLY A 124 26.08 7.33 -10.78
C GLY A 124 24.94 8.20 -11.30
N ASN A 125 24.50 7.98 -12.54
CA ASN A 125 23.35 8.65 -13.09
C ASN A 125 22.02 7.93 -12.84
N ILE A 126 20.90 8.55 -13.20
CA ILE A 126 19.54 8.05 -13.00
C ILE A 126 18.93 7.74 -14.36
N VAL A 127 18.43 6.50 -14.54
CA VAL A 127 17.91 5.99 -15.80
C VAL A 127 16.48 5.61 -15.51
N ALA A 128 15.55 5.98 -16.39
CA ALA A 128 14.21 5.43 -16.41
C ALA A 128 14.23 4.13 -17.19
N ILE A 129 13.60 3.10 -16.64
CA ILE A 129 13.64 1.79 -17.26
C ILE A 129 12.19 1.37 -17.39
N LYS A 130 11.83 0.86 -18.55
CA LYS A 130 10.46 0.45 -18.80
C LYS A 130 10.26 -0.91 -18.17
N GLY A 131 9.18 -1.11 -17.42
CA GLY A 131 8.99 -2.42 -16.78
C GLY A 131 7.78 -3.14 -17.31
N ILE A 132 7.28 -4.11 -16.53
CA ILE A 132 6.07 -4.84 -16.87
C ILE A 132 4.81 -3.98 -16.78
N GLY A 133 4.69 -3.12 -15.74
CA GLY A 133 3.44 -2.42 -15.42
C GLY A 133 3.57 -0.92 -15.15
N GLY A 134 4.64 -0.35 -15.67
CA GLY A 134 4.99 1.03 -15.48
C GLY A 134 6.48 1.23 -15.79
N PHE A 135 7.05 2.30 -15.24
CA PHE A 135 8.41 2.71 -15.52
C PHE A 135 9.00 2.86 -14.16
N HIS A 136 10.24 2.45 -14.02
CA HIS A 136 10.97 2.70 -12.78
C HIS A 136 12.10 3.72 -12.99
N LEU A 137 12.45 4.44 -11.92
CA LEU A 137 13.69 5.21 -11.84
C LEU A 137 14.76 4.45 -11.09
N ALA A 138 15.92 4.27 -11.72
CA ALA A 138 17.02 3.52 -11.13
C ALA A 138 18.32 4.34 -10.90
N CYS A 139 19.10 3.93 -9.91
CA CYS A 139 20.47 4.38 -9.75
C CYS A 139 21.14 3.47 -8.71
N ASP A 140 22.44 3.65 -8.58
CA ASP A 140 23.25 2.84 -7.70
C ASP A 140 22.84 3.12 -6.26
N ALA A 141 22.31 2.11 -5.57
CA ALA A 141 21.85 2.29 -4.21
C ALA A 141 22.96 2.54 -3.14
N ARG A 142 24.22 2.21 -3.46
CA ARG A 142 25.32 2.47 -2.57
C ARG A 142 25.87 3.89 -2.81
N ASN A 143 25.37 4.59 -3.82
CA ASN A 143 25.97 5.86 -4.23
C ASN A 143 25.20 7.00 -3.59
N SER A 144 25.75 7.51 -2.50
CA SER A 144 25.19 8.68 -1.77
C SER A 144 24.77 9.87 -2.62
N ASN A 145 25.64 10.30 -3.53
CA ASN A 145 25.39 11.41 -4.46
C ASN A 145 24.25 11.13 -5.41
N ALA A 146 24.25 9.94 -6.03
CA ALA A 146 23.11 9.57 -6.89
C ALA A 146 21.77 9.59 -6.12
N VAL A 147 21.74 8.98 -4.96
CA VAL A 147 20.51 8.90 -4.17
C VAL A 147 19.99 10.30 -3.68
N ALA A 148 20.86 11.14 -3.15
CA ALA A 148 20.51 12.56 -2.88
C ALA A 148 19.97 13.33 -4.12
N THR A 149 20.56 13.08 -5.28
CA THR A 149 20.11 13.70 -6.53
C THR A 149 18.71 13.23 -6.92
N LEU A 150 18.49 11.92 -6.83
CA LEU A 150 17.18 11.34 -7.11
C LEU A 150 16.11 11.92 -6.16
N ARG A 151 16.41 11.96 -4.85
CA ARG A 151 15.47 12.54 -3.89
C ARG A 151 15.16 14.03 -4.13
N ALA A 152 16.23 14.82 -4.39
CA ALA A 152 16.18 16.25 -4.81
C ALA A 152 15.36 16.47 -6.07
N ARG A 153 15.64 15.69 -7.12
CA ARG A 153 14.86 15.88 -8.34
C ARG A 153 13.40 15.50 -8.26
N LYS A 154 13.06 14.58 -7.38
CA LYS A 154 11.70 14.06 -7.30
C LYS A 154 11.00 14.69 -6.10
N HIS A 155 11.70 15.58 -5.40
CA HIS A 155 11.20 16.23 -4.15
C HIS A 155 10.54 15.15 -3.30
N ARG A 156 11.38 14.26 -2.78
CA ARG A 156 11.00 13.09 -1.97
C ARG A 156 12.10 13.01 -0.95
N PRO A 157 12.07 13.91 0.05
CA PRO A 157 13.19 14.00 0.94
C PRO A 157 13.37 12.83 1.96
N ALA A 158 12.29 12.07 2.22
CA ALA A 158 12.25 11.07 3.31
C ALA A 158 11.73 9.69 2.86
N LYS A 159 10.71 9.67 2.01
CA LYS A 159 9.98 8.46 1.76
C LYS A 159 10.93 7.35 1.31
N PRO A 160 10.84 6.16 1.94
CA PRO A 160 11.87 5.15 1.61
C PRO A 160 11.80 4.63 0.18
N LEU A 161 12.95 4.23 -0.34
CA LEU A 161 13.07 3.80 -1.73
C LEU A 161 13.22 2.30 -1.71
N ALA A 162 12.55 1.61 -2.63
CA ALA A 162 12.70 0.16 -2.80
C ALA A 162 14.01 -0.05 -3.51
N VAL A 163 14.64 -1.19 -3.29
CA VAL A 163 15.94 -1.47 -3.87
C VAL A 163 15.94 -2.85 -4.56
N MET A 164 16.54 -2.95 -5.73
CA MET A 164 16.68 -4.25 -6.37
C MET A 164 18.07 -4.84 -6.11
N LEU A 165 18.11 -6.12 -5.71
CA LEU A 165 19.34 -6.77 -5.36
C LEU A 165 19.55 -7.82 -6.39
N PRO A 166 20.80 -8.19 -6.75
CA PRO A 166 20.92 -9.23 -7.79
C PRO A 166 20.45 -10.65 -7.38
N VAL A 167 20.70 -11.04 -6.11
CA VAL A 167 20.39 -12.37 -5.58
C VAL A 167 19.86 -12.18 -4.15
N ALA A 168 19.27 -13.20 -3.55
CA ALA A 168 18.68 -13.12 -2.18
C ALA A 168 19.66 -13.55 -1.02
N ASP A 169 20.90 -13.92 -1.37
CA ASP A 169 21.94 -14.40 -0.45
C ASP A 169 22.04 -13.50 0.78
N GLY A 170 22.07 -14.14 1.96
CA GLY A 170 22.19 -13.41 3.21
C GLY A 170 20.89 -12.94 3.87
N LEU A 171 19.73 -13.08 3.20
CA LEU A 171 18.44 -12.65 3.77
C LEU A 171 17.83 -13.79 4.57
N PRO A 172 16.95 -13.49 5.56
CA PRO A 172 16.37 -14.62 6.24
C PRO A 172 15.59 -15.48 5.26
N ASP A 173 15.41 -16.74 5.65
CA ASP A 173 14.76 -17.76 4.87
C ASP A 173 13.36 -17.37 4.38
N ALA A 174 12.59 -16.73 5.24
CA ALA A 174 11.21 -16.39 4.94
C ALA A 174 11.16 -15.25 3.92
N ALA A 175 12.18 -14.36 3.95
CA ALA A 175 12.30 -13.31 2.96
C ALA A 175 12.65 -13.91 1.62
N ARG A 176 13.70 -14.73 1.59
CA ARG A 176 14.18 -15.34 0.36
C ARG A 176 13.02 -16.08 -0.32
N GLN A 177 12.25 -16.80 0.47
CA GLN A 177 11.19 -17.59 -0.09
C GLN A 177 10.07 -16.77 -0.74
N LEU A 178 9.67 -15.65 -0.15
CA LEU A 178 8.76 -14.71 -0.78
C LEU A 178 9.34 -14.00 -2.02
N LEU A 179 10.60 -13.58 -1.94
CA LEU A 179 11.22 -12.82 -3.01
C LEU A 179 11.29 -13.60 -4.30
N THR A 180 11.33 -14.93 -4.19
CA THR A 180 11.58 -15.82 -5.34
C THR A 180 10.30 -16.49 -5.87
N THR A 181 9.11 -16.03 -5.44
CA THR A 181 7.87 -16.54 -5.99
C THR A 181 7.62 -15.86 -7.35
N PRO A 182 6.79 -16.47 -8.21
CA PRO A 182 6.29 -15.83 -9.41
C PRO A 182 5.83 -14.40 -9.22
N ALA A 183 5.27 -14.09 -8.06
CA ALA A 183 4.74 -12.77 -7.80
C ALA A 183 5.85 -11.72 -7.73
N ALA A 184 7.08 -12.16 -7.39
CA ALA A 184 8.25 -11.36 -7.12
C ALA A 184 7.95 -10.00 -6.44
N PRO A 185 7.42 -10.03 -5.18
CA PRO A 185 7.07 -8.76 -4.51
C PRO A 185 8.31 -8.01 -3.92
N ILE A 186 8.17 -6.71 -3.65
CA ILE A 186 9.04 -6.02 -2.70
C ILE A 186 8.76 -6.61 -1.35
N VAL A 187 9.85 -6.99 -0.63
CA VAL A 187 9.76 -7.59 0.72
C VAL A 187 10.53 -6.75 1.71
N LEU A 188 9.86 -6.32 2.76
CA LEU A 188 10.42 -5.40 3.77
C LEU A 188 11.25 -6.24 4.75
N VAL A 189 12.50 -5.84 4.90
CA VAL A 189 13.50 -6.72 5.53
C VAL A 189 14.27 -5.80 6.50
N ASP A 190 14.69 -6.29 7.69
CA ASP A 190 15.51 -5.47 8.59
C ASP A 190 16.71 -4.89 7.85
N LYS A 191 17.01 -3.60 8.04
CA LYS A 191 18.14 -2.99 7.28
C LYS A 191 19.56 -3.45 7.67
N LYS A 192 19.73 -4.08 8.84
CA LYS A 192 21.02 -4.71 9.15
C LYS A 192 21.45 -5.86 8.20
N TYR A 193 20.52 -6.42 7.43
CA TYR A 193 20.85 -7.48 6.47
C TYR A 193 21.50 -6.99 5.22
N VAL A 194 21.43 -5.67 5.02
CA VAL A 194 21.82 -5.07 3.74
C VAL A 194 22.73 -3.85 3.98
N PRO A 195 23.93 -4.05 4.57
CA PRO A 195 24.80 -2.90 4.98
C PRO A 195 25.32 -2.07 3.81
N GLU A 196 25.36 -2.67 2.62
CA GLU A 196 25.73 -2.09 1.38
C GLU A 196 24.89 -0.89 0.94
N LEU A 197 23.68 -0.75 1.45
CA LEU A 197 22.82 0.36 1.03
C LEU A 197 23.25 1.61 1.74
N CYS A 198 23.33 2.74 1.04
CA CYS A 198 23.68 4.00 1.70
C CYS A 198 22.55 4.39 2.66
N ASP A 199 22.80 5.35 3.53
CA ASP A 199 21.85 5.69 4.59
C ASP A 199 20.64 6.53 4.15
N ASP A 200 20.67 7.06 2.93
CA ASP A 200 19.56 7.83 2.35
C ASP A 200 18.49 6.91 1.68
N ILE A 201 18.64 5.58 1.78
CA ILE A 201 17.59 4.64 1.27
C ILE A 201 16.26 4.63 2.07
N ALA A 202 16.34 4.40 3.39
CA ALA A 202 15.16 4.54 4.24
C ALA A 202 15.43 5.32 5.51
N PRO A 203 15.70 6.63 5.39
CA PRO A 203 16.25 7.32 6.62
C PRO A 203 15.28 7.37 7.83
N GLY A 204 15.73 6.95 9.00
CA GLY A 204 14.90 6.95 10.22
C GLY A 204 13.91 5.78 10.36
N LEU A 205 13.98 4.83 9.43
CA LEU A 205 13.19 3.65 9.54
C LEU A 205 14.13 2.43 9.78
N ASN A 206 13.55 1.34 10.22
CA ASN A 206 14.33 0.14 10.55
C ASN A 206 14.39 -0.91 9.43
N GLU A 207 13.45 -0.84 8.49
CA GLU A 207 13.28 -1.85 7.42
C GLU A 207 13.65 -1.28 6.03
N VAL A 208 14.02 -2.18 5.13
CA VAL A 208 14.19 -1.78 3.73
C VAL A 208 13.38 -2.69 2.86
N GLY A 209 12.81 -2.11 1.83
CA GLY A 209 12.13 -2.85 0.78
C GLY A 209 13.09 -3.30 -0.30
N VAL A 210 13.29 -4.60 -0.39
CA VAL A 210 14.11 -5.18 -1.44
C VAL A 210 13.29 -6.11 -2.31
N MET A 211 13.71 -6.23 -3.56
CA MET A 211 13.08 -7.08 -4.55
C MET A 211 14.17 -7.70 -5.36
N LEU A 212 13.84 -8.77 -6.08
CA LEU A 212 14.75 -9.38 -7.03
C LEU A 212 14.34 -9.09 -8.48
N PRO A 213 15.29 -9.22 -9.42
CA PRO A 213 14.92 -9.08 -10.84
C PRO A 213 13.80 -10.05 -11.16
N ALA A 214 12.75 -9.56 -11.81
CA ALA A 214 11.68 -10.48 -12.16
C ALA A 214 11.28 -10.43 -13.65
N ASN A 215 11.98 -9.65 -14.47
CA ASN A 215 11.68 -9.69 -15.89
C ASN A 215 13.01 -9.80 -16.63
N PRO A 216 13.02 -10.25 -17.92
CA PRO A 216 14.36 -10.45 -18.55
C PRO A 216 15.26 -9.23 -18.56
N LEU A 217 14.69 -8.04 -18.68
CA LEU A 217 15.51 -6.85 -18.77
C LEU A 217 16.17 -6.55 -17.48
N GLN A 218 15.45 -6.71 -16.37
CA GLN A 218 16.02 -6.54 -15.02
C GLN A 218 17.12 -7.57 -14.70
N HIS A 219 16.97 -8.81 -15.11
CA HIS A 219 18.01 -9.81 -15.00
C HIS A 219 19.32 -9.41 -15.75
N LEU A 220 19.21 -8.95 -16.99
CA LEU A 220 20.36 -8.47 -17.75
C LEU A 220 21.08 -7.32 -17.05
N LEU A 221 20.35 -6.27 -16.69
CA LEU A 221 20.89 -5.18 -15.89
C LEU A 221 21.62 -5.58 -14.61
N LEU A 222 20.96 -6.31 -13.72
CA LEU A 222 21.57 -6.78 -12.45
C LEU A 222 22.69 -7.81 -12.64
N GLN A 223 22.63 -8.62 -13.68
CA GLN A 223 23.75 -9.50 -13.99
C GLN A 223 24.97 -8.68 -14.36
N GLU A 224 24.76 -7.53 -15.01
CA GLU A 224 25.91 -6.69 -15.38
C GLU A 224 26.43 -5.85 -14.21
N LEU A 225 25.50 -5.29 -13.44
CA LEU A 225 25.83 -4.27 -12.49
C LEU A 225 26.40 -4.90 -11.25
N GLN A 226 25.91 -6.09 -10.87
CA GLN A 226 26.32 -6.83 -9.65
C GLN A 226 26.31 -5.92 -8.44
N CYS A 227 25.24 -5.18 -8.25
CA CYS A 227 25.17 -4.25 -7.15
C CYS A 227 23.72 -3.83 -6.97
N PRO A 228 23.36 -3.31 -5.77
CA PRO A 228 21.97 -2.93 -5.54
C PRO A 228 21.58 -1.67 -6.30
N LEU A 229 20.36 -1.68 -6.79
CA LEU A 229 19.83 -0.56 -7.51
C LEU A 229 18.54 -0.02 -6.90
N VAL A 230 18.44 1.30 -6.71
CA VAL A 230 17.17 1.93 -6.34
C VAL A 230 16.29 1.60 -7.52
N MET A 231 15.03 1.27 -7.24
CA MET A 231 14.14 0.87 -8.29
C MET A 231 12.77 1.30 -7.85
N THR A 232 12.55 2.60 -7.91
CA THR A 232 11.37 3.23 -7.42
C THR A 232 10.44 3.64 -8.56
N SER A 233 9.19 3.95 -8.23
CA SER A 233 8.19 4.25 -9.27
C SER A 233 8.52 5.49 -10.14
N GLY A 234 8.13 5.42 -11.41
CA GLY A 234 8.39 6.47 -12.38
C GLY A 234 7.21 7.42 -12.48
N ASN A 235 7.01 8.17 -11.41
CA ASN A 235 5.95 9.14 -11.42
C ASN A 235 6.33 10.41 -10.71
N LEU A 236 5.34 11.30 -10.67
CA LEU A 236 5.41 12.55 -9.97
C LEU A 236 4.31 12.53 -8.90
N SER A 237 4.62 12.95 -7.68
CA SER A 237 3.52 13.11 -6.71
C SER A 237 2.38 13.96 -7.32
N GLY A 238 1.13 13.64 -6.95
CA GLY A 238 -0.05 14.29 -7.57
C GLY A 238 -0.44 13.73 -8.95
N LYS A 239 0.46 12.93 -9.55
CA LYS A 239 0.23 12.26 -10.85
C LYS A 239 0.21 10.70 -10.85
N PRO A 240 -0.67 10.15 -11.72
CA PRO A 240 -0.68 8.72 -12.01
C PRO A 240 0.64 8.35 -12.72
N PRO A 241 1.16 7.18 -12.46
CA PRO A 241 2.35 6.76 -13.14
C PRO A 241 2.12 6.64 -14.65
N ALA A 242 3.13 7.02 -15.43
CA ALA A 242 3.16 6.79 -16.87
C ALA A 242 3.18 5.29 -17.22
N ILE A 243 2.50 4.92 -18.31
CA ILE A 243 2.56 3.53 -18.82
C ILE A 243 2.93 3.48 -20.32
N SER A 244 2.88 4.64 -20.98
CA SER A 244 3.36 4.83 -22.35
C SER A 244 4.69 5.55 -22.38
N ASN A 245 5.46 5.25 -23.39
CA ASN A 245 6.73 5.92 -23.63
C ASN A 245 6.67 7.45 -23.57
N GLU A 246 5.68 8.09 -24.22
CA GLU A 246 5.65 9.57 -24.31
C GLU A 246 5.23 10.24 -23.03
N GLN A 247 4.45 9.53 -22.23
CA GLN A 247 4.12 10.03 -20.94
C GLN A 247 5.33 9.87 -19.96
N ALA A 248 6.11 8.79 -20.06
CA ALA A 248 7.39 8.73 -19.37
C ALA A 248 8.39 9.83 -19.76
N LEU A 249 8.65 9.97 -21.05
CA LEU A 249 9.49 11.06 -21.57
C LEU A 249 9.07 12.43 -21.02
N GLU A 250 7.78 12.75 -21.16
CA GLU A 250 7.18 13.98 -20.62
C GLU A 250 7.41 14.12 -19.09
N ASP A 251 6.98 13.10 -18.33
CA ASP A 251 6.93 13.15 -16.85
C ASP A 251 8.32 13.16 -16.20
N LEU A 252 9.28 12.45 -16.78
CA LEU A 252 10.51 12.11 -16.04
C LEU A 252 11.73 12.87 -16.51
N GLN A 253 11.55 13.69 -17.54
CA GLN A 253 12.66 14.47 -18.08
C GLN A 253 13.41 15.41 -17.12
N GLY A 254 12.74 15.98 -16.12
CA GLY A 254 13.47 16.75 -15.11
C GLY A 254 14.30 15.84 -14.19
N ILE A 255 14.00 14.53 -14.22
CA ILE A 255 14.53 13.56 -13.24
C ILE A 255 15.54 12.56 -13.80
N ALA A 256 15.18 11.85 -14.86
CA ALA A 256 16.03 10.84 -15.46
C ALA A 256 17.06 11.50 -16.40
N ASP A 257 18.32 11.04 -16.33
CA ASP A 257 19.40 11.44 -17.25
C ASP A 257 19.36 10.70 -18.59
N GLY A 258 18.58 9.63 -18.69
CA GLY A 258 18.51 8.82 -19.89
C GLY A 258 17.35 7.87 -19.71
N PHE A 259 16.80 7.34 -20.80
CA PHE A 259 15.62 6.40 -20.76
C PHE A 259 15.87 5.12 -21.48
N LEU A 260 15.64 3.99 -20.80
CA LEU A 260 15.63 2.67 -21.44
C LEU A 260 14.19 2.16 -21.62
N ILE A 261 13.65 2.37 -22.80
CA ILE A 261 12.28 2.07 -23.15
C ILE A 261 12.29 1.00 -24.24
N HIS A 262 11.11 0.63 -24.74
CA HIS A 262 10.97 -0.42 -25.76
C HIS A 262 9.62 -0.24 -26.46
N ASN A 263 9.32 -1.08 -27.43
CA ASN A 263 8.09 -0.90 -28.25
C ASN A 263 7.03 -1.98 -28.06
N ARG A 264 7.02 -2.63 -26.89
CA ARG A 264 5.85 -3.42 -26.45
C ARG A 264 4.96 -2.55 -25.55
N ASP A 265 3.69 -2.40 -25.89
CA ASP A 265 2.83 -1.57 -25.04
C ASP A 265 2.52 -2.19 -23.66
N ILE A 266 2.39 -1.32 -22.66
CA ILE A 266 1.79 -1.71 -21.40
C ILE A 266 0.38 -1.15 -21.53
N VAL A 267 -0.66 -1.95 -21.28
CA VAL A 267 -2.04 -1.42 -21.30
C VAL A 267 -2.68 -1.27 -19.90
N GLN A 268 -2.09 -1.92 -18.89
CA GLN A 268 -2.59 -1.79 -17.51
C GLN A 268 -1.47 -1.28 -16.60
N ARG A 269 -1.74 -0.23 -15.85
CA ARG A 269 -0.95 0.10 -14.68
C ARG A 269 -0.94 -1.03 -13.65
N MET A 270 0.28 -1.39 -13.24
CA MET A 270 0.45 -2.51 -12.34
C MET A 270 1.70 -2.29 -11.46
N ASP A 271 1.52 -1.65 -10.32
CA ASP A 271 2.61 -1.43 -9.39
C ASP A 271 3.19 -2.75 -8.84
N ASP A 272 4.47 -2.74 -8.48
CA ASP A 272 5.04 -3.79 -7.64
C ASP A 272 4.22 -4.01 -6.37
N SER A 273 4.01 -5.26 -5.94
CA SER A 273 3.38 -5.56 -4.65
C SER A 273 4.45 -5.42 -3.53
N VAL A 274 3.95 -5.26 -2.31
CA VAL A 274 4.78 -4.99 -1.15
C VAL A 274 4.27 -5.77 0.03
N VAL A 275 5.09 -6.72 0.50
CA VAL A 275 4.81 -7.55 1.71
C VAL A 275 5.89 -7.41 2.81
N ARG A 276 5.60 -7.76 4.05
CA ARG A 276 6.67 -7.91 5.04
C ARG A 276 7.19 -9.33 4.96
N GLU A 277 8.38 -9.52 5.50
CA GLU A 277 9.05 -10.79 5.56
C GLU A 277 8.13 -11.75 6.28
N SER A 278 7.37 -11.25 7.26
CA SER A 278 6.43 -12.10 8.00
C SER A 278 5.26 -12.58 7.13
N GLY A 279 5.10 -12.00 5.93
CA GLY A 279 4.05 -12.38 4.97
C GLY A 279 2.89 -11.40 4.88
N GLU A 280 2.81 -10.45 5.79
CA GLU A 280 1.83 -9.39 5.85
C GLU A 280 1.85 -8.46 4.64
N MET A 281 0.69 -8.41 4.00
CA MET A 281 0.48 -7.71 2.78
C MET A 281 0.28 -6.24 3.04
N LEU A 282 0.99 -5.38 2.29
CA LEU A 282 0.87 -3.95 2.43
C LEU A 282 0.32 -3.40 1.11
N ARG A 283 0.77 -3.93 -0.03
CA ARG A 283 0.23 -3.54 -1.32
C ARG A 283 0.13 -4.69 -2.26
N ARG A 284 -1.09 -4.93 -2.70
CA ARG A 284 -1.40 -6.06 -3.55
C ARG A 284 -1.64 -5.68 -5.05
N SER A 285 -0.62 -5.85 -5.88
CA SER A 285 -0.74 -5.60 -7.33
C SER A 285 -0.10 -6.71 -8.17
N ARG A 286 1.00 -6.38 -8.88
CA ARG A 286 1.74 -7.27 -9.74
C ARG A 286 1.95 -8.61 -9.05
N GLY A 287 1.59 -9.67 -9.78
CA GLY A 287 1.74 -11.00 -9.24
C GLY A 287 0.62 -11.55 -8.43
N TYR A 288 -0.35 -10.73 -8.04
CA TYR A 288 -1.54 -11.25 -7.35
C TYR A 288 -2.85 -10.95 -8.08
N VAL A 289 -2.89 -9.83 -8.78
CA VAL A 289 -4.05 -9.46 -9.59
C VAL A 289 -3.91 -10.14 -10.97
N PRO A 290 -4.98 -10.73 -11.52
CA PRO A 290 -6.38 -10.75 -11.05
C PRO A 290 -6.92 -12.02 -10.38
N ASP A 291 -6.20 -12.60 -9.42
CA ASP A 291 -6.73 -13.82 -8.74
C ASP A 291 -7.95 -13.53 -7.87
N ALA A 292 -8.96 -14.41 -7.95
CA ALA A 292 -10.19 -14.23 -7.21
C ALA A 292 -10.02 -14.89 -5.88
N LEU A 293 -10.84 -14.45 -4.93
CA LEU A 293 -10.82 -14.97 -3.58
C LEU A 293 -12.19 -15.53 -3.26
N ALA A 294 -12.18 -16.69 -2.62
CA ALA A 294 -13.38 -17.30 -2.03
C ALA A 294 -13.91 -16.45 -0.87
N LEU A 295 -15.23 -16.21 -0.88
CA LEU A 295 -15.94 -15.57 0.23
C LEU A 295 -16.09 -16.54 1.42
N PRO A 296 -16.44 -16.01 2.62
CA PRO A 296 -16.59 -16.89 3.77
C PRO A 296 -17.82 -17.82 3.67
N PRO A 297 -17.86 -18.86 4.53
CA PRO A 297 -19.01 -19.81 4.53
C PRO A 297 -20.34 -19.07 4.70
N GLY A 298 -21.37 -19.55 3.97
CA GLY A 298 -22.69 -18.95 3.97
C GLY A 298 -22.92 -17.89 2.88
N PHE A 299 -21.86 -17.42 2.21
CA PHE A 299 -22.06 -16.46 1.15
C PHE A 299 -22.10 -17.24 -0.15
N LYS A 300 -23.19 -17.15 -0.86
CA LYS A 300 -23.39 -17.91 -2.05
C LYS A 300 -24.47 -17.21 -2.81
N ASN A 301 -24.50 -17.42 -4.12
CA ASN A 301 -25.51 -16.86 -5.00
C ASN A 301 -25.64 -15.33 -4.88
N VAL A 302 -24.53 -14.66 -4.57
CA VAL A 302 -24.46 -13.22 -4.45
C VAL A 302 -24.55 -12.55 -5.87
N PRO A 303 -25.39 -11.49 -6.01
CA PRO A 303 -25.52 -10.78 -7.27
C PRO A 303 -24.24 -9.96 -7.56
N PRO A 304 -24.04 -9.56 -8.84
CA PRO A 304 -22.90 -8.74 -9.18
C PRO A 304 -22.92 -7.36 -8.49
N VAL A 305 -21.93 -7.13 -7.63
CA VAL A 305 -21.78 -5.89 -6.88
C VAL A 305 -20.41 -5.33 -7.25
N LEU A 306 -20.38 -4.07 -7.61
CA LEU A 306 -19.15 -3.31 -7.77
C LEU A 306 -18.93 -2.46 -6.51
N CYS A 307 -17.80 -2.64 -5.83
CA CYS A 307 -17.45 -1.94 -4.59
C CYS A 307 -16.31 -0.98 -4.88
N LEU A 308 -16.57 0.30 -4.71
CA LEU A 308 -15.63 1.36 -5.11
C LEU A 308 -14.47 1.61 -4.14
N GLY A 309 -14.51 1.02 -2.96
CA GLY A 309 -13.39 1.16 -2.07
C GLY A 309 -13.30 2.56 -1.49
N ALA A 310 -12.07 2.99 -1.27
CA ALA A 310 -11.73 4.21 -0.52
C ALA A 310 -11.06 5.21 -1.45
N ASP A 311 -11.04 6.48 -1.05
CA ASP A 311 -10.38 7.49 -1.86
C ASP A 311 -8.87 7.45 -1.88
N LEU A 312 -8.23 6.91 -0.84
CA LEU A 312 -6.77 6.76 -0.85
C LEU A 312 -6.39 5.32 -1.04
N LYS A 313 -5.16 5.05 -1.50
CA LYS A 313 -4.68 3.69 -1.75
C LYS A 313 -5.78 2.80 -2.35
N ASN A 314 -6.49 3.33 -3.34
CA ASN A 314 -7.74 2.75 -3.76
C ASN A 314 -7.55 1.37 -4.43
N THR A 315 -8.47 0.45 -4.11
CA THR A 315 -8.71 -0.70 -4.98
C THR A 315 -10.26 -0.84 -5.14
N PHE A 316 -10.71 -1.37 -6.24
CA PHE A 316 -12.13 -1.69 -6.29
C PHE A 316 -12.25 -3.20 -6.16
N CYS A 317 -13.49 -3.66 -6.06
CA CYS A 317 -13.78 -5.05 -5.85
C CYS A 317 -15.05 -5.43 -6.63
N LEU A 318 -15.02 -6.59 -7.28
CA LEU A 318 -16.16 -7.20 -7.97
C LEU A 318 -16.63 -8.41 -7.14
N VAL A 319 -17.91 -8.43 -6.72
CA VAL A 319 -18.47 -9.52 -5.91
C VAL A 319 -19.58 -10.23 -6.71
N ARG A 320 -19.47 -11.55 -6.87
CA ARG A 320 -20.52 -12.33 -7.52
C ARG A 320 -20.42 -13.77 -7.06
N GLY A 321 -21.53 -14.51 -6.92
CA GLY A 321 -21.51 -15.95 -6.56
C GLY A 321 -20.95 -16.22 -5.18
N GLU A 322 -19.81 -16.92 -5.07
CA GLU A 322 -19.14 -17.13 -3.81
C GLU A 322 -17.69 -16.62 -3.84
N GLN A 323 -17.43 -15.65 -4.72
CA GLN A 323 -16.11 -15.06 -4.87
C GLN A 323 -16.06 -13.56 -5.04
N VAL A 324 -14.85 -13.01 -4.86
CA VAL A 324 -14.64 -11.56 -4.91
C VAL A 324 -13.35 -11.38 -5.72
N VAL A 325 -13.28 -10.39 -6.59
CA VAL A 325 -12.02 -10.12 -7.20
C VAL A 325 -11.65 -8.63 -6.93
N LEU A 326 -10.43 -8.42 -6.42
CA LEU A 326 -9.89 -7.08 -6.13
C LEU A 326 -9.01 -6.63 -7.28
N SER A 327 -9.13 -5.34 -7.60
CA SER A 327 -8.22 -4.68 -8.55
C SER A 327 -6.83 -4.53 -7.91
N GLN A 328 -5.86 -4.17 -8.74
CA GLN A 328 -4.56 -3.69 -8.33
C GLN A 328 -4.68 -2.35 -7.62
N HIS A 329 -3.68 -2.01 -6.85
CA HIS A 329 -3.57 -0.71 -6.26
C HIS A 329 -3.69 0.39 -7.37
N LEU A 330 -4.59 1.35 -7.14
CA LEU A 330 -4.85 2.44 -8.11
C LEU A 330 -4.53 3.81 -7.49
N GLY A 331 -4.19 3.88 -6.21
CA GLY A 331 -3.71 5.14 -5.67
C GLY A 331 -4.84 6.02 -5.17
N ASP A 332 -4.56 7.31 -5.14
CA ASP A 332 -5.38 8.36 -4.56
C ASP A 332 -6.28 8.85 -5.69
N LEU A 333 -7.59 8.81 -5.45
CA LEU A 333 -8.58 9.06 -6.51
C LEU A 333 -8.80 10.53 -6.82
N SER A 334 -8.37 11.39 -5.92
CA SER A 334 -8.41 12.84 -6.18
C SER A 334 -7.23 13.30 -7.05
N ASP A 335 -6.42 12.37 -7.55
CA ASP A 335 -5.32 12.77 -8.43
C ASP A 335 -5.71 13.01 -9.90
N ASP A 336 -4.90 13.87 -10.55
CA ASP A 336 -5.13 14.39 -11.91
C ASP A 336 -5.02 13.26 -12.95
N GLY A 337 -6.17 12.93 -13.56
CA GLY A 337 -6.33 11.82 -14.51
C GLY A 337 -6.16 10.37 -14.05
N ILE A 338 -6.30 10.09 -12.77
CA ILE A 338 -6.26 8.71 -12.24
C ILE A 338 -7.53 7.90 -12.66
N GLN A 339 -8.63 8.62 -12.95
CA GLN A 339 -9.85 7.99 -13.43
C GLN A 339 -9.67 7.14 -14.74
N THR A 340 -8.75 7.55 -15.63
CA THR A 340 -8.45 6.83 -16.84
C THR A 340 -8.00 5.41 -16.57
N GLN A 341 -7.00 5.27 -15.72
CA GLN A 341 -6.45 4.00 -15.31
C GLN A 341 -7.35 3.10 -14.51
N TRP A 342 -8.09 3.71 -13.59
CA TRP A 342 -9.14 3.08 -12.85
C TRP A 342 -10.14 2.44 -13.83
N ARG A 343 -10.58 3.24 -14.79
CA ARG A 343 -11.55 2.80 -15.77
C ARG A 343 -11.04 1.71 -16.72
N GLU A 344 -9.79 1.76 -17.11
CA GLU A 344 -9.22 0.67 -17.88
C GLU A 344 -9.09 -0.63 -17.09
N ALA A 345 -8.75 -0.53 -15.81
CA ALA A 345 -8.67 -1.70 -14.92
C ALA A 345 -10.05 -2.31 -14.78
N LEU A 346 -11.04 -1.48 -14.53
CA LEU A 346 -12.42 -1.92 -14.43
C LEU A 346 -12.93 -2.60 -15.73
N ARG A 347 -12.63 -2.04 -16.91
CA ARG A 347 -13.02 -2.65 -18.20
C ARG A 347 -12.46 -4.06 -18.40
N LEU A 348 -11.17 -4.18 -18.26
CA LEU A 348 -10.50 -5.49 -18.44
C LEU A 348 -10.99 -6.46 -17.35
N MET A 349 -11.04 -6.03 -16.09
CA MET A 349 -11.55 -6.89 -15.03
C MET A 349 -12.98 -7.44 -15.33
N GLN A 350 -13.85 -6.57 -15.85
CA GLN A 350 -15.21 -6.96 -16.17
C GLN A 350 -15.29 -7.83 -17.42
N ASN A 351 -14.38 -7.63 -18.35
CA ASN A 351 -14.24 -8.47 -19.52
C ASN A 351 -13.70 -9.85 -19.14
N ILE A 352 -12.62 -9.91 -18.36
CA ILE A 352 -12.11 -11.18 -17.86
C ILE A 352 -13.17 -12.02 -17.15
N TYR A 353 -13.97 -11.42 -16.27
CA TYR A 353 -14.92 -12.21 -15.52
C TYR A 353 -16.33 -12.15 -16.10
N ASN A 354 -16.49 -11.55 -17.28
CA ASN A 354 -17.82 -11.43 -17.89
C ASN A 354 -18.81 -10.83 -16.87
N PHE A 355 -18.39 -9.72 -16.23
CA PHE A 355 -19.11 -9.17 -15.08
C PHE A 355 -19.89 -7.93 -15.48
N THR A 356 -21.15 -7.83 -15.04
CA THR A 356 -21.96 -6.63 -15.24
C THR A 356 -22.66 -6.34 -13.91
N PRO A 357 -22.36 -5.21 -13.27
CA PRO A 357 -22.87 -4.96 -11.91
C PRO A 357 -24.36 -4.68 -11.88
N GLN A 358 -25.03 -5.14 -10.84
CA GLN A 358 -26.40 -4.79 -10.61
C GLN A 358 -26.46 -3.75 -9.50
N TYR A 359 -25.45 -3.73 -8.62
CA TYR A 359 -25.45 -2.81 -7.46
C TYR A 359 -24.10 -2.18 -7.35
N VAL A 360 -24.05 -0.95 -6.81
CA VAL A 360 -22.79 -0.32 -6.43
C VAL A 360 -22.77 0.04 -4.91
N VAL A 361 -21.62 -0.18 -4.27
CA VAL A 361 -21.41 0.11 -2.87
C VAL A 361 -20.23 1.09 -2.76
N HIS A 362 -20.33 1.99 -1.83
CA HIS A 362 -19.28 2.98 -1.72
C HIS A 362 -19.38 3.55 -0.31
N ASP A 363 -18.41 4.40 0.03
CA ASP A 363 -18.26 4.95 1.36
C ASP A 363 -19.34 5.94 1.79
N ALA A 364 -19.63 5.96 3.08
CA ALA A 364 -20.61 6.93 3.62
C ALA A 364 -20.15 8.40 3.59
N HIS A 365 -18.87 8.66 3.36
CA HIS A 365 -18.41 10.05 3.27
C HIS A 365 -18.90 10.73 1.96
N PRO A 366 -19.77 11.76 2.07
CA PRO A 366 -20.36 12.33 0.85
C PRO A 366 -19.42 13.24 0.03
N GLY A 367 -18.31 13.67 0.61
CA GLY A 367 -17.31 14.44 -0.15
C GLY A 367 -16.28 13.68 -0.98
N TYR A 368 -16.32 12.35 -0.90
CA TYR A 368 -15.36 11.50 -1.62
C TYR A 368 -15.53 11.56 -3.13
N VAL A 369 -14.41 11.47 -3.81
CA VAL A 369 -14.47 11.34 -5.28
C VAL A 369 -15.28 10.07 -5.64
N SER A 370 -15.09 8.99 -4.87
CA SER A 370 -15.65 7.69 -5.26
C SER A 370 -17.16 7.76 -5.21
N CYS A 371 -17.71 8.59 -4.35
N CYS A 371 -17.68 8.56 -4.27
CA CYS A 371 -19.15 8.68 -4.22
CA CYS A 371 -19.11 8.83 -4.13
C CYS A 371 -19.78 9.54 -5.33
C CYS A 371 -19.69 9.43 -5.38
N GLN A 372 -18.97 10.42 -5.90
CA GLN A 372 -19.33 11.13 -7.11
C GLN A 372 -19.30 10.19 -8.32
N TRP A 373 -18.22 9.45 -8.52
CA TRP A 373 -18.22 8.42 -9.59
C TRP A 373 -19.44 7.49 -9.48
N ALA A 374 -19.82 7.06 -8.26
CA ALA A 374 -20.90 6.07 -8.05
C ALA A 374 -22.26 6.52 -8.50
N SER A 375 -22.54 7.78 -8.31
CA SER A 375 -23.80 8.38 -8.79
C SER A 375 -23.86 8.60 -10.30
N GLU A 376 -22.77 8.39 -11.01
CA GLU A 376 -22.76 8.48 -12.46
C GLU A 376 -23.05 7.14 -13.17
N MET A 377 -23.45 6.12 -12.44
CA MET A 377 -23.48 4.76 -12.98
C MET A 377 -24.88 4.14 -13.25
N ASN A 378 -25.96 4.84 -12.88
CA ASN A 378 -27.30 4.37 -13.16
C ASN A 378 -27.57 2.97 -12.64
N LEU A 379 -27.11 2.74 -11.40
CA LEU A 379 -27.34 1.51 -10.64
C LEU A 379 -27.87 1.85 -9.24
N PRO A 380 -28.57 0.90 -8.60
CA PRO A 380 -28.84 1.09 -7.16
C PRO A 380 -27.50 1.17 -6.32
N THR A 381 -27.37 2.19 -5.49
CA THR A 381 -26.16 2.43 -4.76
C THR A 381 -26.53 2.32 -3.29
N GLN A 382 -25.55 1.89 -2.52
CA GLN A 382 -25.65 1.90 -1.09
C GLN A 382 -24.27 2.28 -0.46
N THR A 383 -24.29 2.56 0.81
CA THR A 383 -23.24 3.18 1.54
C THR A 383 -22.88 2.23 2.70
N VAL A 384 -21.59 2.21 3.07
CA VAL A 384 -21.06 1.42 4.15
C VAL A 384 -20.08 2.35 4.92
N LEU A 385 -20.17 2.37 6.27
CA LEU A 385 -19.23 3.14 7.07
C LEU A 385 -17.81 2.62 6.89
N HIS A 386 -16.89 3.55 6.70
CA HIS A 386 -15.48 3.29 6.58
C HIS A 386 -14.98 2.21 7.53
N HIS A 387 -15.23 2.39 8.85
CA HIS A 387 -14.68 1.49 9.83
C HIS A 387 -15.44 0.20 9.98
N HIS A 388 -16.75 0.21 9.75
CA HIS A 388 -17.44 -1.06 9.57
C HIS A 388 -16.72 -1.91 8.47
N ALA A 389 -16.34 -1.29 7.35
CA ALA A 389 -15.74 -1.99 6.24
C ALA A 389 -14.33 -2.51 6.58
N HIS A 390 -13.58 -1.77 7.36
CA HIS A 390 -12.30 -2.25 7.79
C HIS A 390 -12.45 -3.55 8.57
N ALA A 391 -13.39 -3.55 9.52
CA ALA A 391 -13.60 -4.64 10.42
C ALA A 391 -14.07 -5.89 9.66
N ALA A 392 -14.93 -5.67 8.65
CA ALA A 392 -15.47 -6.73 7.83
C ALA A 392 -14.47 -7.34 6.92
N ALA A 393 -13.54 -6.55 6.39
CA ALA A 393 -12.50 -7.13 5.51
C ALA A 393 -11.69 -8.06 6.38
N CYS A 394 -11.51 -7.71 7.65
CA CYS A 394 -10.68 -8.52 8.50
C CYS A 394 -11.41 -9.86 8.90
N LEU A 395 -12.69 -9.79 9.26
CA LEU A 395 -13.48 -10.99 9.45
C LEU A 395 -13.55 -11.90 8.18
N ALA A 396 -13.79 -11.29 7.00
CA ALA A 396 -13.82 -12.01 5.74
C ALA A 396 -12.57 -12.79 5.51
N GLU A 397 -11.44 -12.14 5.71
CA GLU A 397 -10.15 -12.73 5.48
C GLU A 397 -9.85 -13.91 6.44
N HIS A 398 -10.41 -13.91 7.64
CA HIS A 398 -10.29 -15.03 8.58
C HIS A 398 -11.44 -16.08 8.44
N GLN A 399 -12.30 -15.90 7.42
CA GLN A 399 -13.34 -16.83 7.04
C GLN A 399 -14.41 -16.90 8.13
N TRP A 400 -14.66 -15.79 8.80
CA TRP A 400 -15.83 -15.72 9.64
C TRP A 400 -17.13 -15.97 8.83
N PRO A 401 -17.92 -17.01 9.21
CA PRO A 401 -19.21 -17.37 8.58
C PRO A 401 -20.24 -16.29 8.61
N LEU A 402 -21.04 -16.22 7.56
CA LEU A 402 -22.17 -15.30 7.46
C LEU A 402 -22.91 -15.13 8.76
N ASP A 403 -23.08 -16.22 9.50
CA ASP A 403 -23.89 -16.23 10.70
C ASP A 403 -23.03 -16.47 11.97
N GLY A 404 -21.77 -16.10 11.91
CA GLY A 404 -20.81 -16.48 12.95
C GLY A 404 -20.92 -15.85 14.32
N GLY A 405 -21.71 -14.78 14.46
CA GLY A 405 -21.76 -14.04 15.73
C GLY A 405 -21.11 -12.64 15.66
N ASP A 406 -21.40 -11.82 16.69
CA ASP A 406 -20.76 -10.50 16.90
C ASP A 406 -19.31 -10.64 17.33
N VAL A 407 -18.52 -9.65 16.92
CA VAL A 407 -17.20 -9.46 17.48
C VAL A 407 -17.16 -8.04 18.03
N ILE A 408 -16.14 -7.77 18.84
CA ILE A 408 -15.73 -6.45 19.21
C ILE A 408 -14.53 -6.14 18.33
N ALA A 409 -14.62 -4.98 17.65
CA ALA A 409 -13.58 -4.48 16.73
C ALA A 409 -12.85 -3.22 17.26
N LEU A 410 -11.51 -3.19 17.13
CA LEU A 410 -10.71 -1.98 17.29
C LEU A 410 -10.33 -1.53 15.91
N THR A 411 -10.84 -0.37 15.53
CA THR A 411 -10.50 0.18 14.21
C THR A 411 -9.70 1.48 14.35
N LEU A 412 -8.40 1.38 14.03
CA LEU A 412 -7.40 2.43 14.26
C LEU A 412 -6.86 2.98 12.95
N ASP A 413 -7.14 4.25 12.65
CA ASP A 413 -6.61 4.85 11.44
C ASP A 413 -6.49 6.36 11.52
N GLY A 414 -6.27 6.97 10.36
CA GLY A 414 -6.25 8.42 10.21
C GLY A 414 -7.62 9.01 10.45
N ILE A 415 -8.43 9.09 9.40
CA ILE A 415 -9.79 9.67 9.45
C ILE A 415 -10.73 8.92 8.49
N GLY A 416 -11.86 8.47 9.01
CA GLY A 416 -12.99 8.02 8.22
C GLY A 416 -14.24 8.69 8.73
N MET A 417 -15.24 8.84 7.88
CA MET A 417 -16.51 9.35 8.32
C MET A 417 -17.26 8.29 9.13
N GLY A 418 -17.65 8.64 10.35
CA GLY A 418 -18.43 7.73 11.14
C GLY A 418 -19.90 8.04 11.08
N GLU A 419 -20.64 7.54 12.06
CA GLU A 419 -22.07 7.78 12.12
C GLU A 419 -22.34 9.24 12.35
N ASN A 420 -23.38 9.72 11.72
CA ASN A 420 -23.87 11.08 11.87
C ASN A 420 -22.92 12.20 11.52
N GLY A 421 -22.14 12.02 10.46
CA GLY A 421 -21.14 13.02 10.12
C GLY A 421 -19.91 13.16 11.02
N ALA A 422 -19.71 12.29 12.03
CA ALA A 422 -18.54 12.39 12.90
C ALA A 422 -17.32 11.80 12.22
N LEU A 423 -16.14 12.34 12.51
CA LEU A 423 -14.89 11.84 12.00
C LEU A 423 -14.27 10.92 13.08
N TRP A 424 -14.10 9.65 12.70
CA TRP A 424 -13.65 8.58 13.58
C TRP A 424 -12.24 8.18 13.17
N GLY A 425 -11.51 7.55 14.07
CA GLY A 425 -10.27 6.90 13.68
C GLY A 425 -9.67 6.16 14.85
N GLY A 426 -10.43 5.93 15.91
CA GLY A 426 -9.88 5.26 17.10
C GLY A 426 -11.04 4.72 17.91
N GLU A 427 -11.68 3.67 17.39
CA GLU A 427 -13.04 3.34 17.80
C GLU A 427 -13.17 1.95 18.33
N CYS A 428 -13.97 1.79 19.34
CA CYS A 428 -14.32 0.49 19.71
C CYS A 428 -15.79 0.18 19.23
N LEU A 429 -15.96 -0.93 18.50
CA LEU A 429 -17.26 -1.30 17.87
C LEU A 429 -17.72 -2.72 18.13
N ARG A 430 -19.01 -2.93 18.29
CA ARG A 430 -19.68 -4.23 18.07
C ARG A 430 -20.03 -4.42 16.59
N VAL A 431 -19.59 -5.52 16.01
CA VAL A 431 -19.60 -5.64 14.55
C VAL A 431 -20.04 -7.04 14.12
N ASN A 432 -20.96 -7.10 13.16
CA ASN A 432 -21.18 -8.32 12.41
C ASN A 432 -21.25 -7.81 10.97
N TYR A 433 -21.41 -8.70 10.01
CA TYR A 433 -21.41 -8.28 8.62
C TYR A 433 -22.57 -7.34 8.22
N ARG A 434 -23.59 -7.17 9.08
CA ARG A 434 -24.76 -6.29 8.80
C ARG A 434 -24.84 -5.00 9.66
N GLU A 435 -24.20 -5.00 10.83
CA GLU A 435 -24.41 -4.02 11.88
C GLU A 435 -23.04 -3.56 12.41
N CYS A 436 -23.01 -2.35 12.88
CA CYS A 436 -21.86 -1.73 13.42
C CYS A 436 -22.41 -0.82 14.52
N GLU A 437 -22.19 -1.17 15.79
CA GLU A 437 -22.56 -0.27 16.87
C GLU A 437 -21.27 0.27 17.48
N HIS A 438 -21.19 1.59 17.60
CA HIS A 438 -20.05 2.27 18.19
C HIS A 438 -20.14 2.24 19.72
N LEU A 439 -19.06 1.76 20.36
CA LEU A 439 -19.02 1.55 21.81
C LEU A 439 -18.18 2.55 22.57
N GLY A 440 -17.15 3.11 21.95
CA GLY A 440 -16.27 4.08 22.61
C GLY A 440 -14.96 4.21 21.87
N GLY A 441 -13.93 4.74 22.53
CA GLY A 441 -12.64 4.95 21.85
C GLY A 441 -11.91 6.19 22.29
N LEU A 442 -11.14 6.81 21.38
CA LEU A 442 -10.50 8.04 21.72
C LEU A 442 -11.49 9.22 21.88
N PRO A 443 -11.18 10.22 22.73
CA PRO A 443 -11.97 11.50 22.60
C PRO A 443 -11.81 12.19 21.22
N ALA A 444 -12.88 12.81 20.73
CA ALA A 444 -12.79 13.62 19.50
C ALA A 444 -12.10 14.94 19.80
N VAL A 445 -11.11 15.27 18.99
CA VAL A 445 -10.20 16.42 19.21
C VAL A 445 -10.00 17.13 17.87
N ALA A 446 -10.05 18.45 17.92
CA ALA A 446 -9.95 19.32 16.75
C ALA A 446 -8.79 18.91 15.83
N LEU A 447 -9.01 18.98 14.51
CA LEU A 447 -7.89 19.02 13.54
C LEU A 447 -7.69 20.47 13.09
N PRO A 448 -6.75 21.23 13.73
CA PRO A 448 -6.62 22.67 13.46
C PRO A 448 -6.12 22.97 12.04
N GLY A 449 -6.92 23.63 11.23
CA GLY A 449 -6.46 23.83 9.85
C GLY A 449 -6.84 22.67 8.93
N GLY A 450 -7.76 21.82 9.39
CA GLY A 450 -8.31 20.68 8.59
C GLY A 450 -7.26 19.77 7.97
N ASP A 451 -7.02 19.98 6.67
CA ASP A 451 -6.09 19.13 5.92
C ASP A 451 -4.63 19.34 6.31
N LEU A 452 -4.32 20.53 6.83
CA LEU A 452 -2.99 20.83 7.34
C LEU A 452 -2.58 20.01 8.57
N ALA A 453 -3.57 19.54 9.35
CA ALA A 453 -3.37 18.69 10.56
C ALA A 453 -2.62 17.38 10.27
N ALA A 454 -2.88 16.81 9.10
CA ALA A 454 -2.15 15.64 8.68
C ALA A 454 -0.72 15.94 8.21
N LYS A 455 -0.42 17.20 7.86
CA LYS A 455 0.91 17.53 7.33
C LYS A 455 1.88 18.13 8.35
N GLN A 456 1.33 18.63 9.45
CA GLN A 456 2.14 19.31 10.44
C GLN A 456 1.72 18.83 11.80
N PRO A 457 2.48 17.84 12.32
CA PRO A 457 2.20 17.21 13.61
C PRO A 457 1.97 18.15 14.81
N TRP A 458 2.75 19.23 14.88
CA TRP A 458 2.59 20.23 15.95
C TRP A 458 1.12 20.73 16.15
N ARG A 459 0.31 20.81 15.09
CA ARG A 459 -1.14 21.21 15.22
C ARG A 459 -1.94 20.26 16.14
N ASN A 460 -1.59 19.00 16.11
CA ASN A 460 -2.28 17.97 16.88
C ASN A 460 -1.83 18.00 18.30
N LEU A 461 -0.54 18.24 18.50
CA LEU A 461 0.02 18.52 19.84
C LEU A 461 -0.65 19.73 20.48
N LEU A 462 -0.84 20.79 19.73
CA LEU A 462 -1.53 21.98 20.17
C LEU A 462 -3.00 21.68 20.55
N ALA A 463 -3.70 20.97 19.68
CA ALA A 463 -5.09 20.64 19.91
C ALA A 463 -5.21 19.77 21.18
N GLN A 464 -4.23 18.87 21.41
CA GLN A 464 -4.25 18.00 22.61
C GLN A 464 -3.94 18.81 23.86
N CYS A 465 -2.93 19.69 23.79
CA CYS A 465 -2.56 20.59 24.91
C CYS A 465 -3.71 21.50 25.30
N LEU A 466 -4.30 22.19 24.35
CA LEU A 466 -5.44 23.08 24.61
C LEU A 466 -6.58 22.39 25.42
N ARG A 467 -6.95 21.18 25.04
CA ARG A 467 -8.00 20.41 25.70
C ARG A 467 -7.54 19.73 27.00
N PHE A 468 -6.32 19.22 27.06
CA PHE A 468 -5.93 18.33 28.18
C PHE A 468 -4.74 18.70 29.08
N VAL A 469 -3.89 19.65 28.68
CA VAL A 469 -2.66 19.87 29.48
C VAL A 469 -2.62 21.26 30.11
N PRO A 470 -2.94 21.37 31.40
CA PRO A 470 -2.84 22.70 32.05
C PRO A 470 -1.39 23.23 32.01
N GLU A 471 -1.21 24.50 31.60
CA GLU A 471 0.12 25.13 31.62
C GLU A 471 1.05 24.46 30.64
N TRP A 472 0.50 23.97 29.54
CA TRP A 472 1.26 23.27 28.51
C TRP A 472 2.44 24.09 28.01
N GLN A 473 2.35 25.42 28.12
CA GLN A 473 3.40 26.32 27.57
C GLN A 473 4.75 26.14 28.27
N ASN A 474 4.71 25.67 29.51
CA ASN A 474 5.88 25.38 30.33
C ASN A 474 6.65 24.06 30.09
N TYR A 475 6.14 23.16 29.25
CA TYR A 475 6.89 21.91 29.01
C TYR A 475 7.89 22.10 27.91
N PRO A 476 9.11 21.55 28.05
CA PRO A 476 10.07 21.70 26.91
C PRO A 476 9.55 21.09 25.62
N GLU A 477 8.72 20.05 25.73
CA GLU A 477 8.24 19.39 24.49
C GLU A 477 7.29 20.21 23.62
N THR A 478 6.73 21.28 24.22
CA THR A 478 5.81 22.18 23.52
C THR A 478 6.46 23.47 23.09
N ALA A 479 7.79 23.57 23.23
CA ALA A 479 8.50 24.85 23.00
C ALA A 479 8.29 25.46 21.61
N SER A 480 8.43 24.68 20.54
CA SER A 480 8.31 25.31 19.21
C SER A 480 6.87 25.88 19.03
N VAL A 481 5.87 25.04 19.34
CA VAL A 481 4.45 25.45 19.42
C VAL A 481 4.25 26.76 20.18
N ALA A 482 4.82 26.83 21.38
CA ALA A 482 4.51 27.95 22.27
C ALA A 482 5.15 29.25 21.80
N ALA A 483 6.24 29.15 21.05
CA ALA A 483 6.99 30.34 20.60
C ALA A 483 6.31 31.01 19.37
N ALA A 484 5.63 30.17 18.57
CA ALA A 484 4.69 30.62 17.57
C ALA A 484 3.51 31.40 18.24
N ASN A 485 2.84 32.27 17.48
CA ASN A 485 1.57 32.86 17.91
C ASN A 485 0.38 31.89 17.58
N TRP A 486 0.38 30.75 18.28
CA TRP A 486 -0.60 29.70 18.30
C TRP A 486 -1.99 30.18 18.68
N SER A 487 -2.09 31.39 19.22
CA SER A 487 -3.37 31.82 19.76
C SER A 487 -4.41 32.26 18.75
N VAL A 488 -4.00 32.63 17.53
CA VAL A 488 -4.95 32.79 16.40
C VAL A 488 -5.57 31.43 16.02
N LEU A 489 -4.75 30.39 16.00
CA LEU A 489 -5.23 29.01 15.77
C LEU A 489 -6.15 28.55 16.91
N ALA A 490 -5.77 28.82 18.17
CA ALA A 490 -6.63 28.54 19.34
C ALA A 490 -8.04 29.14 19.24
N ARG A 491 -8.15 30.32 18.65
CA ARG A 491 -9.44 30.99 18.41
C ARG A 491 -10.21 30.36 17.23
N ALA A 492 -9.53 30.01 16.14
CA ALA A 492 -10.17 29.24 15.11
C ALA A 492 -10.74 27.94 15.76
N ILE A 493 -9.92 27.24 16.54
CA ILE A 493 -10.41 26.05 17.28
C ILE A 493 -11.65 26.31 18.15
N GLU A 494 -11.64 27.27 19.08
CA GLU A 494 -12.85 27.60 19.86
C GLU A 494 -14.10 27.80 18.99
N ARG A 495 -13.94 28.49 17.86
CA ARG A 495 -15.09 28.95 17.06
C ARG A 495 -15.50 27.98 15.98
N GLY A 496 -14.75 26.91 15.84
CA GLY A 496 -15.09 25.85 14.91
C GLY A 496 -14.80 26.23 13.46
N ILE A 497 -13.76 27.02 13.27
CA ILE A 497 -13.38 27.44 11.90
C ILE A 497 -12.30 26.54 11.30
N ASN A 498 -12.71 25.64 10.44
CA ASN A 498 -11.80 24.67 9.83
C ASN A 498 -10.95 23.85 10.88
N ALA A 499 -11.65 23.39 11.91
CA ALA A 499 -11.05 22.70 13.02
C ALA A 499 -12.03 21.61 13.47
N PRO A 500 -12.40 20.68 12.52
CA PRO A 500 -13.42 19.67 12.83
C PRO A 500 -12.89 18.70 13.93
N LEU A 501 -13.78 18.22 14.81
CA LEU A 501 -13.45 17.20 15.84
C LEU A 501 -13.29 15.78 15.23
N ALA A 502 -12.20 15.11 15.57
CA ALA A 502 -11.90 13.74 15.13
C ALA A 502 -11.25 12.95 16.27
N SER A 503 -11.76 11.75 16.52
CA SER A 503 -11.11 10.82 17.40
C SER A 503 -10.09 9.98 16.63
N SER A 504 -9.11 10.63 16.02
CA SER A 504 -8.13 9.97 15.23
C SER A 504 -6.96 9.45 16.04
N CYS A 505 -6.70 8.16 15.95
CA CYS A 505 -5.50 7.59 16.53
C CYS A 505 -4.24 7.97 15.75
N GLY A 506 -4.36 8.29 14.47
CA GLY A 506 -3.23 8.66 13.63
C GLY A 506 -2.78 10.05 14.04
N ARG A 507 -3.76 10.92 14.33
CA ARG A 507 -3.42 12.27 14.80
C ARG A 507 -2.87 12.26 16.22
N LEU A 508 -3.18 11.23 17.03
CA LEU A 508 -2.54 11.07 18.35
C LEU A 508 -1.06 10.64 18.30
N PHE A 509 -0.73 9.72 17.40
CA PHE A 509 0.69 9.39 17.09
C PHE A 509 1.50 10.65 16.73
N ASP A 510 0.89 11.50 15.89
CA ASP A 510 1.49 12.72 15.37
C ASP A 510 1.72 13.72 16.48
N ALA A 511 0.81 13.81 17.44
CA ALA A 511 0.95 14.71 18.56
C ALA A 511 2.15 14.24 19.39
N VAL A 512 2.31 12.92 19.56
CA VAL A 512 3.42 12.38 20.37
C VAL A 512 4.76 12.50 19.65
N ALA A 513 4.79 12.20 18.36
CA ALA A 513 5.96 12.40 17.55
C ALA A 513 6.40 13.88 17.55
N ALA A 514 5.48 14.85 17.65
CA ALA A 514 5.84 16.26 17.63
C ALA A 514 6.39 16.64 19.00
N ALA A 515 5.78 16.14 20.08
CA ALA A 515 6.31 16.26 21.43
C ALA A 515 7.74 15.71 21.55
N LEU A 516 8.07 14.62 20.87
CA LEU A 516 9.41 14.01 20.95
C LEU A 516 10.37 14.62 19.99
N GLY A 517 9.88 15.37 19.00
CA GLY A 517 10.77 15.95 18.00
C GLY A 517 11.36 14.97 16.99
N CYS A 518 10.72 13.83 16.74
CA CYS A 518 11.28 12.81 15.82
C CYS A 518 10.84 12.83 14.35
N ALA A 519 10.21 13.92 13.91
CA ALA A 519 9.80 14.07 12.50
C ALA A 519 10.06 15.51 12.11
N PRO A 520 10.25 15.80 10.80
CA PRO A 520 10.36 17.24 10.53
C PRO A 520 9.05 17.95 10.88
N ALA A 521 9.13 19.23 11.19
CA ALA A 521 8.00 20.06 11.53
C ALA A 521 6.86 19.97 10.50
N THR A 522 7.17 20.05 9.19
CA THR A 522 6.23 19.73 8.10
C THR A 522 6.66 18.39 7.50
N LEU A 523 5.70 17.54 7.15
CA LEU A 523 5.92 16.19 6.65
C LEU A 523 5.81 16.15 5.15
N SER A 524 6.51 15.20 4.53
CA SER A 524 6.49 15.07 3.07
C SER A 524 5.67 13.88 2.60
N TYR A 525 5.17 13.07 3.52
CA TYR A 525 4.27 12.02 3.09
C TYR A 525 3.35 11.61 4.23
N GLU A 526 2.15 11.10 3.88
CA GLU A 526 1.15 10.74 4.91
C GLU A 526 1.73 9.63 5.80
N GLY A 527 1.58 9.77 7.11
CA GLY A 527 2.05 8.74 8.03
C GLY A 527 3.53 8.81 8.46
N GLU A 528 4.31 9.70 7.85
CA GLU A 528 5.72 9.84 8.18
C GLU A 528 6.07 10.01 9.67
N ALA A 529 5.26 10.75 10.43
CA ALA A 529 5.57 11.00 11.88
C ALA A 529 5.32 9.74 12.74
N ALA A 530 4.25 9.03 12.45
CA ALA A 530 3.91 7.75 13.05
C ALA A 530 4.93 6.61 12.79
N CYS A 531 5.45 6.49 11.56
CA CYS A 531 6.49 5.47 11.24
C CYS A 531 7.76 5.77 11.96
N ALA A 532 8.11 7.07 11.99
CA ALA A 532 9.30 7.54 12.71
C ALA A 532 9.17 7.24 14.20
N LEU A 533 8.01 7.60 14.78
CA LEU A 533 7.73 7.24 16.17
C LEU A 533 7.85 5.71 16.42
N GLU A 534 7.37 4.87 15.49
CA GLU A 534 7.36 3.44 15.71
C GLU A 534 8.76 2.89 15.54
N ALA A 535 9.50 3.44 14.60
CA ALA A 535 10.86 3.00 14.39
C ALA A 535 11.68 3.35 15.63
N LEU A 536 11.56 4.55 16.14
CA LEU A 536 12.11 4.88 17.47
C LEU A 536 11.70 3.91 18.62
N ALA A 537 10.39 3.68 18.83
CA ALA A 537 9.97 2.78 19.91
C ALA A 537 10.58 1.34 19.81
N ALA A 538 10.84 0.88 18.59
CA ALA A 538 11.24 -0.50 18.35
C ALA A 538 12.69 -0.80 18.75
N SER A 539 13.50 0.24 18.94
CA SER A 539 14.87 0.06 19.43
C SER A 539 14.87 -0.18 20.96
N CYS A 540 13.71 0.02 21.56
CA CYS A 540 13.54 -0.24 22.98
C CYS A 540 12.96 -1.63 23.15
N ASP A 541 13.53 -2.40 24.06
CA ASP A 541 13.05 -3.76 24.30
C ASP A 541 11.97 -3.87 25.36
N GLY A 542 11.51 -2.76 25.89
CA GLY A 542 10.53 -2.79 26.94
C GLY A 542 11.06 -2.09 28.17
N VAL A 543 10.22 -1.31 28.83
CA VAL A 543 10.73 -0.56 29.95
C VAL A 543 9.69 -0.62 31.05
N THR A 544 10.10 -0.55 32.30
CA THR A 544 9.16 -0.29 33.38
C THR A 544 8.86 1.19 33.40
N HIS A 545 7.58 1.55 33.34
CA HIS A 545 7.21 2.95 33.21
C HIS A 545 5.85 3.20 33.85
N PRO A 546 5.55 4.45 34.24
CA PRO A 546 4.25 4.72 34.88
C PRO A 546 3.15 5.32 34.00
N VAL A 547 3.32 5.35 32.70
CA VAL A 547 2.34 5.99 31.78
C VAL A 547 1.17 5.05 31.56
N THR A 548 -0.04 5.60 31.63
CA THR A 548 -1.28 4.85 31.42
C THR A 548 -2.31 5.68 30.67
N MET A 549 -3.34 4.99 30.18
CA MET A 549 -4.49 5.63 29.59
C MET A 549 -5.74 5.06 30.21
N PRO A 550 -6.18 5.58 31.36
CA PRO A 550 -7.37 5.05 32.01
C PRO A 550 -8.64 5.22 31.22
N ARG A 551 -9.67 4.57 31.69
CA ARG A 551 -10.97 4.51 31.03
C ARG A 551 -11.90 5.42 31.81
N VAL A 552 -12.57 6.34 31.13
CA VAL A 552 -13.53 7.16 31.83
C VAL A 552 -14.81 7.06 31.05
N ASP A 553 -15.80 6.45 31.70
CA ASP A 553 -16.91 5.77 31.07
C ASP A 553 -16.41 4.92 29.88
N ASN A 554 -16.54 5.37 28.63
CA ASN A 554 -16.16 4.51 27.52
C ASN A 554 -15.09 5.09 26.59
N GLN A 555 -14.38 6.08 27.09
CA GLN A 555 -13.28 6.73 26.37
C GLN A 555 -12.03 6.70 27.18
N LEU A 556 -10.91 6.63 26.47
CA LEU A 556 -9.57 6.82 27.04
C LEU A 556 -9.37 8.22 27.65
N ASP A 557 -8.75 8.28 28.82
CA ASP A 557 -8.62 9.53 29.55
C ASP A 557 -7.25 10.12 29.23
N LEU A 558 -7.19 10.99 28.19
CA LEU A 558 -5.92 11.61 27.78
C LEU A 558 -5.38 12.70 28.73
N ALA A 559 -6.22 13.30 29.58
CA ALA A 559 -5.65 14.18 30.60
C ALA A 559 -4.63 13.45 31.49
N THR A 560 -4.99 12.24 31.94
CA THR A 560 -4.10 11.43 32.79
C THR A 560 -2.90 11.01 31.96
N PHE A 561 -3.09 10.58 30.72
CA PHE A 561 -1.98 10.15 29.88
C PHE A 561 -0.87 11.21 29.68
N TRP A 562 -1.27 12.43 29.29
CA TRP A 562 -0.34 13.52 29.02
C TRP A 562 0.32 14.00 30.32
N GLN A 563 -0.43 14.05 31.39
CA GLN A 563 0.23 14.35 32.63
C GLN A 563 1.30 13.36 32.97
N GLN A 564 1.04 12.05 32.87
CA GLN A 564 2.12 11.12 33.21
C GLN A 564 3.21 11.08 32.17
N TRP A 565 2.84 11.14 30.89
CA TRP A 565 3.84 11.01 29.85
C TRP A 565 4.82 12.24 29.82
N LEU A 566 4.27 13.44 29.99
CA LEU A 566 5.07 14.66 29.83
C LEU A 566 5.99 14.79 31.04
N ASN A 567 5.62 14.14 32.13
CA ASN A 567 6.43 14.18 33.33
C ASN A 567 7.22 12.91 33.57
N TRP A 568 7.28 11.99 32.59
CA TRP A 568 8.15 10.84 32.73
C TRP A 568 9.34 10.97 31.79
N GLN A 569 10.47 11.43 32.34
CA GLN A 569 11.75 11.67 31.61
C GLN A 569 12.48 10.34 31.47
N ALA A 570 13.09 10.11 30.33
CA ALA A 570 13.63 8.82 29.95
C ALA A 570 14.19 9.07 28.54
N PRO A 571 15.11 8.23 28.06
CA PRO A 571 15.51 8.32 26.66
C PRO A 571 14.27 8.29 25.72
N VAL A 572 14.39 8.93 24.56
CA VAL A 572 13.27 9.11 23.65
C VAL A 572 12.74 7.74 23.19
N ASN A 573 13.61 6.73 23.03
CA ASN A 573 13.03 5.44 22.55
C ASN A 573 12.09 4.89 23.59
N GLN A 574 12.41 5.09 24.87
CA GLN A 574 11.64 4.54 25.96
C GLN A 574 10.33 5.30 26.15
N ARG A 575 10.37 6.61 25.94
CA ARG A 575 9.16 7.42 25.87
C ARG A 575 8.22 7.04 24.72
N ALA A 576 8.79 6.82 23.52
CA ALA A 576 7.99 6.31 22.39
C ALA A 576 7.41 4.95 22.74
N TRP A 577 8.22 4.03 23.27
CA TRP A 577 7.76 2.66 23.62
C TRP A 577 6.61 2.73 24.64
N ALA A 578 6.71 3.62 25.61
CA ALA A 578 5.72 3.77 26.68
C ALA A 578 4.37 4.24 26.15
N PHE A 579 4.43 5.16 25.17
CA PHE A 579 3.22 5.57 24.49
C PHE A 579 2.48 4.34 23.85
N HIS A 580 3.17 3.54 23.03
CA HIS A 580 2.51 2.38 22.41
C HIS A 580 1.89 1.48 23.48
N ASP A 581 2.66 1.19 24.50
CA ASP A 581 2.26 0.32 25.57
C ASP A 581 0.99 0.78 26.35
N ALA A 582 0.95 2.06 26.75
CA ALA A 582 -0.19 2.67 27.41
C ALA A 582 -1.41 2.67 26.53
N LEU A 583 -1.20 2.94 25.23
CA LEU A 583 -2.29 2.96 24.23
C LEU A 583 -2.91 1.57 24.03
N ALA A 584 -2.07 0.58 23.75
CA ALA A 584 -2.49 -0.82 23.72
C ALA A 584 -3.17 -1.28 25.01
N GLN A 585 -2.55 -0.99 26.14
CA GLN A 585 -3.18 -1.33 27.39
C GLN A 585 -4.58 -0.69 27.57
N GLY A 586 -4.73 0.56 27.17
CA GLY A 586 -5.95 1.34 27.38
C GLY A 586 -7.06 0.83 26.51
N PHE A 587 -6.78 0.62 25.21
CA PHE A 587 -7.70 -0.08 24.32
C PHE A 587 -8.04 -1.52 24.77
N ALA A 588 -7.05 -2.29 25.21
CA ALA A 588 -7.32 -3.62 25.70
C ALA A 588 -8.33 -3.55 26.83
N ALA A 589 -8.20 -2.59 27.77
CA ALA A 589 -9.17 -2.49 28.89
C ALA A 589 -10.61 -2.20 28.44
N LEU A 590 -10.77 -1.40 27.39
CA LEU A 590 -12.08 -1.01 26.85
C LEU A 590 -12.71 -2.22 26.18
N MET A 591 -11.94 -2.88 25.30
CA MET A 591 -12.39 -4.04 24.54
C MET A 591 -12.77 -5.17 25.49
N ARG A 592 -11.95 -5.37 26.54
CA ARG A 592 -12.30 -6.34 27.58
C ARG A 592 -13.65 -6.12 28.25
N GLU A 593 -13.91 -4.94 28.77
CA GLU A 593 -15.21 -4.67 29.36
C GLU A 593 -16.38 -4.94 28.36
N GLN A 594 -16.17 -4.57 27.10
CA GLN A 594 -17.26 -4.63 26.10
C GLN A 594 -17.52 -6.06 25.67
N ALA A 595 -16.44 -6.84 25.46
CA ALA A 595 -16.56 -8.20 24.99
C ALA A 595 -17.15 -9.09 26.10
N THR A 596 -16.63 -8.96 27.33
CA THR A 596 -17.00 -9.85 28.41
C THR A 596 -18.44 -9.73 28.83
N MET A 597 -18.90 -8.49 28.93
CA MET A 597 -20.26 -8.22 29.38
C MET A 597 -21.25 -8.45 28.30
N ARG A 598 -20.80 -8.84 27.13
CA ARG A 598 -21.73 -9.27 26.06
C ARG A 598 -21.50 -10.71 25.69
N GLY A 599 -20.56 -11.38 26.33
CA GLY A 599 -20.33 -12.78 25.98
C GLY A 599 -19.58 -13.01 24.70
N ILE A 600 -18.76 -12.03 24.31
CA ILE A 600 -18.07 -12.10 23.03
C ILE A 600 -16.66 -12.58 23.32
N THR A 601 -16.14 -13.51 22.54
CA THR A 601 -14.85 -14.10 22.85
C THR A 601 -13.80 -13.87 21.77
N THR A 602 -14.23 -13.23 20.68
CA THR A 602 -13.41 -12.94 19.52
C THR A 602 -13.31 -11.41 19.27
N LEU A 603 -12.07 -10.96 19.05
CA LEU A 603 -11.76 -9.55 18.86
C LEU A 603 -11.08 -9.41 17.53
N VAL A 604 -11.46 -8.34 16.79
CA VAL A 604 -10.96 -7.97 15.48
C VAL A 604 -10.17 -6.63 15.51
N PHE A 605 -9.15 -6.52 14.67
CA PHE A 605 -8.34 -5.30 14.62
C PHE A 605 -8.11 -4.98 13.22
N SER A 606 -8.29 -3.72 12.86
CA SER A 606 -8.12 -3.29 11.46
C SER A 606 -7.89 -1.76 11.39
N GLY A 607 -7.67 -1.24 10.17
CA GLY A 607 -7.32 0.21 10.02
C GLY A 607 -5.82 0.33 9.80
N GLY A 608 -5.40 1.39 9.09
CA GLY A 608 -3.96 1.63 8.77
C GLY A 608 -2.96 1.61 9.94
N VAL A 609 -3.37 2.01 11.14
CA VAL A 609 -2.47 2.00 12.30
C VAL A 609 -2.08 0.61 12.81
N ILE A 610 -2.91 -0.38 12.48
CA ILE A 610 -2.72 -1.77 12.82
C ILE A 610 -1.58 -2.35 12.03
N HIS A 611 -1.14 -1.63 11.01
CA HIS A 611 0.14 -1.99 10.41
C HIS A 611 1.33 -1.82 11.40
N ASN A 612 1.15 -1.06 12.47
CA ASN A 612 2.17 -0.97 13.51
C ASN A 612 2.43 -2.29 14.25
N ARG A 613 3.60 -2.89 14.03
CA ARG A 613 4.06 -4.13 14.70
C ARG A 613 4.15 -4.10 16.24
N LEU A 614 4.62 -2.99 16.78
CA LEU A 614 4.75 -2.92 18.21
C LEU A 614 3.35 -2.86 18.85
N LEU A 615 2.49 -2.09 18.24
CA LEU A 615 1.19 -1.92 18.81
C LEU A 615 0.39 -3.26 18.74
N ARG A 616 0.50 -3.98 17.63
CA ARG A 616 0.01 -5.36 17.57
C ARG A 616 0.56 -6.24 18.67
N ALA A 617 1.89 -6.30 18.80
CA ALA A 617 2.52 -7.14 19.78
C ALA A 617 1.97 -6.73 21.16
N ARG A 618 1.84 -5.45 21.40
CA ARG A 618 1.39 -5.04 22.73
C ARG A 618 -0.02 -5.45 23.03
N LEU A 619 -0.91 -5.28 22.06
CA LEU A 619 -2.34 -5.65 22.20
C LEU A 619 -2.51 -7.18 22.36
N ALA A 620 -1.76 -7.96 21.59
CA ALA A 620 -1.77 -9.41 21.70
C ALA A 620 -1.29 -9.81 23.13
N HIS A 621 -0.34 -9.05 23.68
CA HIS A 621 0.12 -9.27 25.07
C HIS A 621 -1.01 -9.05 26.10
N TYR A 622 -1.77 -7.97 25.97
CA TYR A 622 -2.80 -7.66 26.95
C TYR A 622 -4.08 -8.47 26.76
N LEU A 623 -4.26 -9.11 25.61
CA LEU A 623 -5.58 -9.70 25.23
C LEU A 623 -5.46 -11.18 24.97
N ALA A 624 -4.65 -11.85 25.77
CA ALA A 624 -4.36 -13.26 25.66
C ALA A 624 -5.58 -14.11 26.10
N ASP A 625 -6.48 -13.54 26.89
CA ASP A 625 -7.72 -14.22 27.22
C ASP A 625 -8.81 -14.22 26.09
N PHE A 626 -8.46 -13.83 24.84
CA PHE A 626 -9.43 -13.68 23.72
C PHE A 626 -8.85 -14.31 22.44
N THR A 627 -9.70 -14.62 21.48
CA THR A 627 -9.21 -15.02 20.17
C THR A 627 -9.00 -13.71 19.40
N LEU A 628 -7.79 -13.53 18.88
CA LEU A 628 -7.44 -12.28 18.25
C LEU A 628 -7.33 -12.39 16.72
N LEU A 629 -8.01 -11.46 16.03
CA LEU A 629 -8.05 -11.49 14.55
C LEU A 629 -7.40 -10.28 13.90
N PHE A 630 -6.23 -10.44 13.29
CA PHE A 630 -5.50 -9.33 12.63
C PHE A 630 -5.39 -9.51 11.07
N PRO A 631 -5.39 -8.40 10.30
CA PRO A 631 -5.21 -8.58 8.86
C PRO A 631 -3.86 -9.24 8.55
N GLN A 632 -3.79 -9.98 7.45
CA GLN A 632 -2.56 -10.62 6.99
C GLN A 632 -2.49 -10.67 5.46
N SER A 633 -3.45 -11.29 4.79
CA SER A 633 -3.33 -11.44 3.33
C SER A 633 -3.83 -10.25 2.48
N LEU A 634 -4.42 -9.27 3.17
CA LEU A 634 -4.94 -8.06 2.59
C LEU A 634 -4.41 -6.93 3.45
N PRO A 635 -4.22 -5.75 2.86
CA PRO A 635 -3.81 -4.62 3.66
C PRO A 635 -4.78 -4.25 4.82
N ALA A 636 -4.22 -3.92 5.98
CA ALA A 636 -4.96 -3.43 7.11
C ALA A 636 -5.69 -2.13 6.77
N GLY A 637 -5.11 -1.37 5.84
CA GLY A 637 -5.63 -0.04 5.56
C GLY A 637 -6.61 -0.01 4.40
N ASP A 638 -6.58 1.12 3.68
CA ASP A 638 -7.55 1.42 2.68
C ASP A 638 -7.54 0.45 1.50
N GLY A 639 -6.41 -0.25 1.29
CA GLY A 639 -6.25 -1.28 0.25
C GLY A 639 -7.20 -2.47 0.40
N GLY A 640 -7.76 -2.64 1.59
CA GLY A 640 -8.60 -3.80 1.85
C GLY A 640 -10.06 -3.39 1.95
N LEU A 641 -10.34 -2.11 1.92
CA LEU A 641 -11.70 -1.61 2.19
C LEU A 641 -12.81 -2.03 1.20
N SER A 642 -12.48 -2.10 -0.09
CA SER A 642 -13.46 -2.58 -1.08
C SER A 642 -13.96 -4.01 -0.69
N LEU A 643 -13.08 -4.91 -0.30
CA LEU A 643 -13.53 -6.22 0.18
C LEU A 643 -14.54 -6.10 1.33
N GLY A 644 -14.30 -5.25 2.32
CA GLY A 644 -15.27 -5.07 3.42
C GLY A 644 -16.63 -4.56 3.03
N GLN A 645 -16.66 -3.59 2.11
CA GLN A 645 -17.88 -3.11 1.45
C GLN A 645 -18.63 -4.19 0.80
N GLY A 646 -17.94 -4.96 -0.02
CA GLY A 646 -18.49 -6.20 -0.61
C GLY A 646 -19.20 -7.24 0.29
N VAL A 647 -18.54 -7.68 1.34
CA VAL A 647 -19.19 -8.67 2.25
C VAL A 647 -20.31 -8.13 3.07
N ILE A 648 -20.29 -6.85 3.43
CA ILE A 648 -21.43 -6.21 4.07
C ILE A 648 -22.63 -6.10 3.09
N ALA A 649 -22.44 -5.55 1.89
CA ALA A 649 -23.53 -5.56 0.86
C ALA A 649 -24.06 -6.96 0.60
N ALA A 650 -23.16 -7.93 0.46
CA ALA A 650 -23.63 -9.30 0.19
C ALA A 650 -24.50 -9.78 1.34
N ALA A 651 -24.12 -9.45 2.57
CA ALA A 651 -24.74 -10.00 3.76
C ALA A 651 -26.13 -9.44 3.99
N ARG A 652 -26.29 -8.13 3.78
CA ARG A 652 -27.58 -7.44 3.83
C ARG A 652 -28.50 -8.01 2.76
N TRP A 653 -27.95 -8.27 1.56
CA TRP A 653 -28.69 -8.92 0.50
C TRP A 653 -29.16 -10.32 0.91
N LEU A 654 -28.24 -11.16 1.37
CA LEU A 654 -28.57 -12.53 1.75
C LEU A 654 -29.64 -12.63 2.84
N ALA A 655 -29.74 -11.59 3.65
CA ALA A 655 -30.78 -11.47 4.71
C ALA A 655 -32.11 -10.90 4.21
N GLY A 656 -32.19 -10.58 2.94
CA GLY A 656 -33.39 -10.01 2.33
C GLY A 656 -33.71 -8.61 2.81
N GLU A 657 -32.70 -7.83 3.23
CA GLU A 657 -32.88 -6.43 3.62
C GLU A 657 -33.31 -5.62 2.39
N VAL A 658 -34.38 -4.82 2.56
CA VAL A 658 -35.10 -4.11 1.46
C VAL A 658 -34.23 -3.23 0.49
#